data_6T8U
#
_entry.id   6T8U
#
_cell.length_a   91.926
_cell.length_b   91.926
_cell.length_c   260.415
_cell.angle_alpha   90.000
_cell.angle_beta   90.000
_cell.angle_gamma   90.000
#
_symmetry.space_group_name_H-M   'P 43 21 2'
#
loop_
_entity.id
_entity.type
_entity.pdbx_description
1 polymer 'Complement factor B'
2 non-polymer 5-bromanyl-3-chloranyl-~{N}-(1~{H}-imidazol-2-yl)-7-methyl-1~{H}-indol-4-amine
3 non-polymer 'SULFATE ION'
4 water water
#
_entity_poly.entity_id   1
_entity_poly.type   'polypeptide(L)'
_entity_poly.pdbx_seq_one_letter_code
;SLSLCGMVWEHRKGTDYHKQPWQAKISVIRPSKGHESCMGAVVSEYFVLTAAHCFTVDDKEHSIKVSVGGEKRDLEIEVV
LFHPNYNINGKKEAGIPEFYDYDVALIKLKNKLKYGQTIRPICLPCTEGTTRALRLPPTTTCQQQKEELLPAQDIKALFV
SEEEKKLTRKEVYIKNGDKKGSCERDAQYAPGYDKVKDISEVVTPRFLCTGGVSPYADPNTCRGDSGGPLIVHKRSRFIQ
VGVISWGVVDVCKNQKRQKQVPAHARDFHINLFQVLPWLKEKLQDEDLGFL
;
_entity_poly.pdbx_strand_id   AAA,BBB,CCC
#
loop_
_chem_comp.id
_chem_comp.type
_chem_comp.name
_chem_comp.formula
MVZ non-polymer 5-bromanyl-3-chloranyl-~{N}-(1~{H}-imidazol-2-yl)-7-methyl-1~{H}-indol-4-amine 'C12 H10 Br Cl N4'
SO4 non-polymer 'SULFATE ION' 'O4 S -2'
#
# COMPACT_ATOMS: atom_id res chain seq x y z
N LEU A 4 -14.30 -19.17 4.84
CA LEU A 4 -14.47 -19.89 6.18
C LEU A 4 -13.25 -20.71 6.60
N CYS A 5 -12.31 -20.06 7.29
CA CYS A 5 -10.94 -20.53 7.48
C CYS A 5 -10.76 -21.26 8.81
N GLY A 6 -9.72 -22.08 8.86
CA GLY A 6 -9.27 -22.71 10.09
C GLY A 6 -10.26 -23.74 10.63
N MET A 7 -10.97 -24.43 9.73
CA MET A 7 -11.99 -25.36 10.16
C MET A 7 -11.78 -26.73 9.56
N VAL A 8 -11.96 -27.78 10.38
CA VAL A 8 -11.80 -29.18 10.04
C VAL A 8 -13.18 -29.82 10.14
N TRP A 9 -13.40 -30.99 9.48
CA TRP A 9 -14.54 -31.84 9.83
C TRP A 9 -14.15 -33.22 10.37
N GLU A 10 -15.17 -34.03 10.66
CA GLU A 10 -15.05 -35.31 11.33
C GLU A 10 -13.89 -36.15 10.78
N THR A 15 -5.98 -39.98 9.14
CA THR A 15 -6.51 -39.02 8.14
C THR A 15 -5.63 -37.78 8.19
N ASP A 16 -4.32 -37.93 7.99
CA ASP A 16 -3.35 -36.89 8.31
C ASP A 16 -3.86 -35.55 7.76
N TYR A 17 -4.11 -35.47 6.45
CA TYR A 17 -4.43 -34.19 5.85
C TYR A 17 -5.93 -33.92 5.91
N HIS A 18 -6.67 -34.77 6.63
CA HIS A 18 -8.06 -34.47 6.98
C HIS A 18 -8.07 -33.61 8.23
N LYS A 19 -7.10 -33.90 9.11
CA LYS A 19 -7.06 -33.32 10.44
C LYS A 19 -6.25 -32.01 10.44
N GLN A 20 -5.33 -31.88 9.47
CA GLN A 20 -4.56 -30.66 9.30
C GLN A 20 -4.64 -30.23 7.84
N PRO A 21 -5.82 -29.87 7.30
CA PRO A 21 -6.00 -29.65 5.86
C PRO A 21 -5.30 -28.45 5.22
N TRP A 22 -4.70 -27.56 6.02
CA TRP A 22 -3.96 -26.39 5.54
C TRP A 22 -2.52 -26.77 5.26
N GLN A 23 -2.08 -27.98 5.69
CA GLN A 23 -0.67 -28.28 5.71
C GLN A 23 -0.12 -28.47 4.29
N ALA A 24 1.05 -27.88 4.03
CA ALA A 24 1.71 -28.00 2.74
C ALA A 24 3.08 -28.58 2.99
N LYS A 25 3.51 -29.46 2.10
CA LYS A 25 4.83 -30.06 2.23
C LYS A 25 5.70 -29.50 1.10
N ILE A 26 6.92 -29.05 1.44
CA ILE A 26 7.78 -28.42 0.45
C ILE A 26 9.11 -29.17 0.37
N SER A 27 9.56 -29.45 -0.87
CA SER A 27 10.87 -29.98 -1.19
C SER A 27 11.59 -29.08 -2.18
N VAL A 28 12.86 -28.75 -1.87
CA VAL A 28 13.72 -28.11 -2.85
C VAL A 28 14.86 -29.08 -3.20
N ILE A 29 14.95 -29.43 -4.49
CA ILE A 29 15.89 -30.42 -4.99
C ILE A 29 17.02 -29.61 -5.61
N ARG A 30 18.12 -29.45 -4.85
CA ARG A 30 19.19 -28.49 -5.16
C ARG A 30 20.34 -29.19 -5.89
N PRO A 31 20.78 -28.71 -7.10
CA PRO A 31 21.70 -29.45 -7.97
C PRO A 31 23.02 -29.98 -7.39
N SER A 32 23.12 -30.09 -6.04
CA SER A 32 24.25 -30.73 -5.39
C SER A 32 23.83 -32.03 -4.69
N LYS A 33 22.62 -32.53 -5.03
CA LYS A 33 22.12 -33.88 -4.80
C LYS A 33 21.55 -34.12 -3.39
N GLY A 34 21.26 -33.04 -2.64
CA GLY A 34 20.61 -33.15 -1.34
C GLY A 34 19.28 -32.39 -1.30
N HIS A 35 18.18 -33.14 -1.11
CA HIS A 35 16.83 -32.58 -0.98
C HIS A 35 16.68 -31.88 0.36
N GLU A 36 16.20 -30.64 0.35
CA GLU A 36 15.89 -29.87 1.55
C GLU A 36 14.37 -29.83 1.74
N SER A 37 13.90 -29.90 3.00
CA SER A 37 12.47 -30.02 3.30
C SER A 37 11.95 -28.78 4.03
N CYS A 38 10.71 -28.40 3.75
CA CYS A 38 10.06 -27.38 4.56
C CYS A 38 8.57 -27.69 4.65
N MET A 39 7.86 -26.94 5.48
CA MET A 39 6.41 -26.99 5.51
C MET A 39 5.83 -25.61 5.21
N GLY A 40 4.52 -25.57 5.05
CA GLY A 40 3.80 -24.34 4.75
C GLY A 40 2.32 -24.50 5.05
N ALA A 41 1.58 -23.41 4.95
CA ALA A 41 0.14 -23.43 5.21
C ALA A 41 -0.55 -22.79 4.02
N VAL A 42 -1.61 -23.41 3.55
CA VAL A 42 -2.54 -22.82 2.59
C VAL A 42 -3.25 -21.66 3.27
N VAL A 43 -3.21 -20.46 2.64
CA VAL A 43 -3.84 -19.30 3.25
C VAL A 43 -4.90 -18.69 2.33
N SER A 44 -4.90 -19.12 1.06
CA SER A 44 -5.92 -18.73 0.11
C SER A 44 -5.89 -19.74 -1.05
N GLU A 45 -6.76 -19.54 -2.05
CA GLU A 45 -6.81 -20.60 -3.05
C GLU A 45 -5.62 -20.50 -4.00
N TYR A 46 -4.79 -19.44 -3.88
CA TYR A 46 -3.62 -19.36 -4.74
C TYR A 46 -2.30 -19.36 -3.97
N PHE A 47 -2.34 -19.37 -2.62
CA PHE A 47 -1.13 -19.03 -1.87
C PHE A 47 -0.81 -20.01 -0.74
N VAL A 48 0.47 -20.36 -0.60
CA VAL A 48 0.98 -21.08 0.55
C VAL A 48 1.98 -20.19 1.32
N LEU A 49 1.82 -20.07 2.64
CA LEU A 49 2.69 -19.25 3.45
C LEU A 49 3.79 -20.13 4.04
N THR A 50 5.05 -19.66 4.01
CA THR A 50 6.20 -20.48 4.39
C THR A 50 7.36 -19.59 4.86
N ALA A 51 8.55 -20.16 5.03
CA ALA A 51 9.72 -19.40 5.47
C ALA A 51 10.59 -19.05 4.27
N ALA A 52 11.14 -17.83 4.28
CA ALA A 52 12.03 -17.40 3.21
C ALA A 52 13.27 -18.32 3.09
N HIS A 53 13.80 -18.80 4.23
CA HIS A 53 15.09 -19.45 4.24
C HIS A 53 15.00 -20.84 3.65
N CYS A 54 13.84 -21.26 3.16
CA CYS A 54 13.71 -22.56 2.52
C CYS A 54 14.21 -22.56 1.10
N PHE A 55 14.65 -21.40 0.61
CA PHE A 55 14.99 -21.16 -0.79
C PHE A 55 16.23 -20.26 -0.69
N SER A 63 12.29 -28.21 -9.73
CA SER A 63 13.27 -27.82 -8.67
C SER A 63 12.58 -27.77 -7.29
N ILE A 64 11.52 -26.99 -7.20
CA ILE A 64 10.74 -26.78 -5.99
C ILE A 64 9.45 -27.58 -6.10
N LYS A 65 9.22 -28.47 -5.13
CA LYS A 65 8.03 -29.33 -5.11
C LYS A 65 7.15 -28.93 -3.93
N VAL A 66 5.89 -28.59 -4.22
CA VAL A 66 4.92 -28.23 -3.20
C VAL A 66 3.75 -29.18 -3.34
N SER A 67 3.31 -29.76 -2.21
CA SER A 67 2.07 -30.49 -2.32
C SER A 67 1.16 -30.29 -1.12
N VAL A 68 -0.14 -30.34 -1.41
CA VAL A 68 -1.17 -30.17 -0.40
C VAL A 68 -2.01 -31.43 -0.33
N GLY A 69 -2.79 -31.55 0.75
CA GLY A 69 -3.83 -32.56 0.88
C GLY A 69 -3.29 -33.99 0.90
N GLY A 70 -1.99 -34.15 1.12
CA GLY A 70 -1.34 -35.45 1.13
C GLY A 70 -1.25 -36.09 -0.27
N GLU A 71 -1.46 -35.31 -1.35
CA GLU A 71 -1.41 -35.83 -2.71
C GLU A 71 0.04 -36.15 -3.08
N LYS A 72 0.21 -37.10 -4.02
CA LYS A 72 1.52 -37.37 -4.58
C LYS A 72 1.90 -36.27 -5.57
N ARG A 73 0.88 -35.61 -6.15
CA ARG A 73 0.98 -34.53 -7.12
C ARG A 73 1.79 -33.36 -6.56
N ASP A 74 2.66 -32.77 -7.40
CA ASP A 74 3.39 -31.55 -7.11
C ASP A 74 2.77 -30.36 -7.85
N LEU A 75 2.30 -29.35 -7.11
CA LEU A 75 1.56 -28.26 -7.72
C LEU A 75 2.49 -27.32 -8.47
N GLU A 76 1.96 -26.74 -9.55
CA GLU A 76 2.67 -25.82 -10.42
C GLU A 76 2.80 -24.46 -9.73
N ILE A 77 4.05 -23.98 -9.59
CA ILE A 77 4.34 -22.74 -8.90
C ILE A 77 4.44 -21.59 -9.91
N GLU A 78 3.83 -20.43 -9.58
CA GLU A 78 3.90 -19.28 -10.46
C GLU A 78 5.11 -18.44 -10.06
N VAL A 79 5.13 -18.00 -8.81
CA VAL A 79 6.17 -17.10 -8.32
C VAL A 79 6.34 -17.38 -6.83
N VAL A 80 7.52 -17.06 -6.27
CA VAL A 80 7.68 -17.10 -4.83
C VAL A 80 8.03 -15.68 -4.39
N LEU A 81 7.23 -15.10 -3.49
CA LEU A 81 7.41 -13.74 -3.03
C LEU A 81 8.13 -13.76 -1.67
N PHE A 82 9.20 -12.97 -1.54
CA PHE A 82 9.96 -12.90 -0.30
C PHE A 82 9.70 -11.57 0.39
N HIS A 83 9.72 -11.59 1.73
CA HIS A 83 9.59 -10.37 2.48
C HIS A 83 10.76 -9.43 2.12
N PRO A 84 10.45 -8.19 1.72
CA PRO A 84 11.48 -7.25 1.30
C PRO A 84 12.57 -7.03 2.35
N ASN A 85 12.32 -7.29 3.63
CA ASN A 85 13.36 -6.99 4.61
C ASN A 85 14.11 -8.26 4.99
N TYR A 86 13.84 -9.38 4.32
CA TYR A 86 14.56 -10.58 4.64
C TYR A 86 15.96 -10.54 4.04
N ASN A 87 16.96 -10.86 4.87
CA ASN A 87 18.31 -10.93 4.38
C ASN A 87 19.11 -11.87 5.28
N ILE A 88 19.19 -13.16 4.91
CA ILE A 88 19.89 -14.16 5.72
C ILE A 88 21.32 -13.68 6.05
N ASN A 89 21.92 -12.91 5.12
CA ASN A 89 23.31 -12.45 5.19
C ASN A 89 23.41 -11.05 5.79
N GLY A 90 22.26 -10.46 6.13
CA GLY A 90 22.18 -9.10 6.63
C GLY A 90 23.22 -8.71 7.68
N LYS A 91 23.70 -9.63 8.52
CA LYS A 91 24.56 -9.26 9.63
C LYS A 91 25.90 -10.02 9.65
N LYS A 92 26.40 -10.40 8.47
CA LYS A 92 27.67 -11.11 8.38
C LYS A 92 28.79 -10.20 8.88
N GLU A 93 28.85 -8.96 8.36
CA GLU A 93 29.84 -7.97 8.80
C GLU A 93 29.96 -7.96 10.33
N ALA A 94 28.84 -8.11 11.06
CA ALA A 94 28.91 -8.08 12.51
C ALA A 94 29.24 -9.47 13.07
N GLY A 95 29.64 -10.39 12.17
CA GLY A 95 30.03 -11.74 12.53
C GLY A 95 28.85 -12.62 12.95
N ILE A 96 27.62 -12.32 12.50
CA ILE A 96 26.47 -13.17 12.76
C ILE A 96 26.15 -13.97 11.49
N PRO A 97 26.42 -15.30 11.50
CA PRO A 97 26.37 -16.10 10.27
C PRO A 97 25.05 -16.07 9.51
N GLU A 98 23.93 -16.21 10.24
CA GLU A 98 22.60 -16.20 9.65
C GLU A 98 21.68 -15.37 10.55
N PHE A 99 20.88 -14.51 9.91
CA PHE A 99 19.97 -13.61 10.60
C PHE A 99 18.57 -13.88 10.05
N TYR A 100 17.60 -14.22 10.91
CA TYR A 100 16.32 -14.72 10.41
C TYR A 100 15.21 -13.67 10.48
N ASP A 101 15.53 -12.37 10.61
CA ASP A 101 14.47 -11.37 10.63
C ASP A 101 13.63 -11.47 9.36
N TYR A 102 12.31 -11.35 9.52
CA TYR A 102 11.36 -11.36 8.41
C TYR A 102 11.46 -12.64 7.58
N ASP A 103 11.58 -13.79 8.24
CA ASP A 103 11.79 -15.04 7.54
C ASP A 103 10.46 -15.61 7.01
N VAL A 104 9.79 -14.91 6.09
CA VAL A 104 8.51 -15.36 5.55
C VAL A 104 8.53 -15.19 4.05
N ALA A 105 7.82 -16.10 3.39
CA ALA A 105 7.65 -16.08 1.95
C ALA A 105 6.27 -16.65 1.58
N LEU A 106 5.71 -16.14 0.47
CA LEU A 106 4.46 -16.62 -0.10
C LEU A 106 4.74 -17.30 -1.43
N ILE A 107 4.26 -18.55 -1.57
CA ILE A 107 4.33 -19.30 -2.81
C ILE A 107 3.00 -19.09 -3.54
N LYS A 108 3.05 -18.50 -4.73
CA LYS A 108 1.83 -18.31 -5.51
C LYS A 108 1.72 -19.49 -6.46
N LEU A 109 0.56 -20.14 -6.47
CA LEU A 109 0.30 -21.26 -7.36
C LEU A 109 -0.27 -20.77 -8.69
N LYS A 110 0.03 -21.50 -9.79
CA LYS A 110 -0.57 -21.20 -11.09
C LYS A 110 -2.08 -21.49 -11.09
N ASN A 111 -2.53 -22.53 -10.37
CA ASN A 111 -3.92 -22.92 -10.47
C ASN A 111 -4.62 -22.79 -9.13
N LYS A 112 -5.90 -22.39 -9.18
CA LYS A 112 -6.83 -22.34 -8.07
C LYS A 112 -6.83 -23.70 -7.37
N LEU A 113 -6.53 -23.72 -6.07
CA LEU A 113 -6.74 -24.90 -5.26
C LEU A 113 -8.24 -25.15 -5.17
N LYS A 114 -8.63 -26.44 -5.09
CA LYS A 114 -10.03 -26.78 -4.88
C LYS A 114 -10.23 -27.16 -3.42
N TYR A 115 -10.95 -26.35 -2.65
CA TYR A 115 -11.14 -26.66 -1.24
C TYR A 115 -12.00 -27.92 -1.10
N GLY A 116 -11.63 -28.78 -0.16
CA GLY A 116 -12.23 -30.09 0.01
C GLY A 116 -12.17 -30.49 1.47
N GLN A 117 -12.12 -31.79 1.76
CA GLN A 117 -11.96 -32.16 3.15
C GLN A 117 -10.48 -32.38 3.45
N THR A 118 -9.65 -32.37 2.40
CA THR A 118 -8.21 -32.53 2.58
C THR A 118 -7.44 -31.24 2.33
N ILE A 119 -8.10 -30.22 1.76
CA ILE A 119 -7.45 -28.95 1.44
C ILE A 119 -8.37 -27.83 1.92
N ARG A 120 -7.97 -27.16 3.02
CA ARG A 120 -8.72 -26.02 3.53
C ARG A 120 -7.72 -24.93 3.98
N PRO A 121 -8.07 -23.64 3.96
CA PRO A 121 -7.13 -22.59 4.36
C PRO A 121 -7.18 -22.33 5.85
N ILE A 122 -6.04 -21.98 6.43
CA ILE A 122 -5.99 -21.58 7.83
C ILE A 122 -6.31 -20.09 7.95
N CYS A 123 -6.79 -19.64 9.11
CA CYS A 123 -7.04 -18.23 9.37
C CYS A 123 -5.71 -17.51 9.59
N LEU A 124 -5.63 -16.29 9.06
CA LEU A 124 -4.50 -15.39 9.28
C LEU A 124 -4.91 -14.29 10.25
N PRO A 125 -3.96 -13.71 11.01
CA PRO A 125 -4.31 -12.62 11.93
C PRO A 125 -4.77 -11.33 11.21
N CYS A 126 -5.65 -10.57 11.88
CA CYS A 126 -6.16 -9.29 11.43
C CYS A 126 -6.93 -9.44 10.12
N THR A 127 -7.80 -10.44 10.08
CA THR A 127 -8.69 -10.66 8.95
C THR A 127 -10.10 -10.86 9.47
N GLU A 128 -11.08 -10.75 8.58
CA GLU A 128 -12.46 -10.98 8.94
C GLU A 128 -12.64 -12.45 9.34
N GLY A 129 -12.02 -13.35 8.58
CA GLY A 129 -11.99 -14.77 8.86
C GLY A 129 -11.66 -15.04 10.32
N THR A 130 -10.64 -14.36 10.84
CA THR A 130 -10.29 -14.57 12.23
C THR A 130 -11.32 -13.92 13.14
N THR A 131 -11.83 -12.75 12.75
CA THR A 131 -12.83 -12.16 13.60
C THR A 131 -14.04 -13.09 13.74
N ARG A 132 -14.45 -13.69 12.62
CA ARG A 132 -15.59 -14.58 12.65
C ARG A 132 -15.23 -15.83 13.47
N ALA A 133 -14.05 -16.42 13.23
CA ALA A 133 -13.71 -17.69 13.84
C ALA A 133 -13.73 -17.56 15.36
N LEU A 134 -13.34 -16.38 15.87
CA LEU A 134 -13.23 -16.12 17.31
C LEU A 134 -14.56 -15.59 17.88
N ARG A 135 -15.61 -15.58 17.05
CA ARG A 135 -16.93 -15.06 17.37
C ARG A 135 -16.86 -13.68 17.98
N LEU A 136 -16.08 -12.80 17.36
CA LEU A 136 -15.90 -11.44 17.84
C LEU A 136 -16.78 -10.46 17.06
N PRO A 137 -17.08 -9.28 17.63
CA PRO A 137 -17.96 -8.31 16.96
C PRO A 137 -17.35 -7.64 15.72
N PRO A 138 -18.20 -7.04 14.85
CA PRO A 138 -17.72 -6.45 13.59
C PRO A 138 -16.76 -5.26 13.73
N THR A 139 -16.70 -4.69 14.94
CA THR A 139 -15.81 -3.56 15.16
C THR A 139 -14.46 -4.05 15.74
N THR A 140 -14.21 -5.35 15.69
CA THR A 140 -13.01 -5.92 16.27
C THR A 140 -11.80 -5.40 15.51
N THR A 141 -10.84 -4.85 16.26
CA THR A 141 -9.64 -4.28 15.65
C THR A 141 -8.52 -5.31 15.62
N CYS A 142 -7.48 -4.98 14.86
CA CYS A 142 -6.28 -5.78 14.78
C CYS A 142 -5.64 -5.92 16.16
N GLN A 143 -5.60 -4.81 16.93
CA GLN A 143 -5.10 -4.84 18.30
C GLN A 143 -5.90 -5.83 19.16
N GLN A 144 -7.23 -5.78 19.09
CA GLN A 144 -8.02 -6.67 19.93
C GLN A 144 -7.75 -8.14 19.60
N GLN A 145 -7.50 -8.45 18.32
CA GLN A 145 -7.22 -9.81 17.91
C GLN A 145 -5.90 -10.29 18.54
N LYS A 146 -4.88 -9.44 18.49
CA LYS A 146 -3.57 -9.74 19.05
C LYS A 146 -3.70 -10.02 20.55
N GLU A 147 -4.57 -9.28 21.23
CA GLU A 147 -4.77 -9.39 22.66
C GLU A 147 -5.49 -10.70 23.00
N GLU A 148 -6.35 -11.17 22.09
CA GLU A 148 -7.05 -12.42 22.30
C GLU A 148 -6.12 -13.62 22.03
N LEU A 149 -5.31 -13.52 20.97
CA LEU A 149 -4.59 -14.66 20.43
C LEU A 149 -3.22 -14.74 21.06
N LEU A 150 -2.59 -13.58 21.32
CA LEU A 150 -1.26 -13.52 21.89
C LEU A 150 -1.28 -12.70 23.19
N PRO A 151 -1.98 -13.10 24.28
CA PRO A 151 -1.96 -12.32 25.53
C PRO A 151 -0.58 -12.42 26.17
N ALA A 152 -0.32 -11.59 27.19
CA ALA A 152 1.00 -11.61 27.83
C ALA A 152 1.07 -12.72 28.88
N GLN A 153 1.21 -13.96 28.39
CA GLN A 153 1.31 -15.10 29.27
C GLN A 153 1.91 -16.28 28.49
N ASP A 154 1.80 -17.48 29.07
CA ASP A 154 2.22 -18.66 28.34
C ASP A 154 1.06 -19.17 27.51
N ILE A 155 1.21 -19.22 26.18
CA ILE A 155 0.07 -19.48 25.31
C ILE A 155 0.15 -20.91 24.79
N LYS A 156 -0.90 -21.70 25.04
CA LYS A 156 -1.01 -23.01 24.42
C LYS A 156 -1.17 -22.85 22.90
N ALA A 157 -0.35 -23.59 22.16
CA ALA A 157 -0.33 -23.58 20.70
C ALA A 157 0.10 -24.97 20.21
N LEU A 158 0.17 -25.13 18.89
CA LEU A 158 0.73 -26.35 18.32
C LEU A 158 1.43 -26.00 17.00
N PHE A 159 2.29 -26.92 16.56
CA PHE A 159 2.77 -26.92 15.20
C PHE A 159 2.62 -28.33 14.67
N VAL A 160 2.78 -28.49 13.36
CA VAL A 160 2.53 -29.74 12.69
C VAL A 160 3.83 -30.19 12.05
N SER A 161 4.15 -31.46 12.25
CA SER A 161 5.45 -32.04 11.95
C SER A 161 5.28 -33.26 11.07
N GLU A 162 6.38 -33.80 10.54
CA GLU A 162 6.30 -35.07 9.83
C GLU A 162 7.05 -36.16 10.61
N GLU A 163 6.31 -37.20 11.01
CA GLU A 163 6.88 -38.40 11.61
C GLU A 163 6.49 -39.57 10.72
N GLU A 164 7.48 -40.23 10.12
CA GLU A 164 7.28 -41.47 9.40
C GLU A 164 6.19 -41.26 8.34
N LYS A 165 6.34 -40.11 7.65
CA LYS A 165 5.61 -39.77 6.44
C LYS A 165 4.12 -39.54 6.70
N LYS A 166 3.75 -39.34 7.97
CA LYS A 166 2.41 -38.88 8.33
C LYS A 166 2.46 -37.60 9.16
N LEU A 167 1.37 -36.85 9.19
CA LEU A 167 1.38 -35.55 9.84
C LEU A 167 0.96 -35.72 11.31
N THR A 168 1.69 -35.03 12.20
CA THR A 168 1.45 -35.12 13.64
C THR A 168 1.42 -33.72 14.26
N ARG A 169 0.39 -33.41 15.06
CA ARG A 169 0.37 -32.19 15.86
C ARG A 169 1.31 -32.32 17.07
N LYS A 170 1.91 -31.22 17.51
CA LYS A 170 2.73 -31.19 18.70
C LYS A 170 2.39 -29.94 19.53
N GLU A 171 2.09 -30.14 20.81
CA GLU A 171 1.67 -29.02 21.63
C GLU A 171 2.87 -28.26 22.19
N VAL A 172 2.87 -26.93 22.04
CA VAL A 172 3.95 -26.09 22.56
C VAL A 172 3.33 -24.90 23.25
N TYR A 173 4.16 -24.16 24.01
CA TYR A 173 3.72 -22.97 24.69
C TYR A 173 4.57 -21.77 24.28
N ILE A 174 3.93 -20.71 23.77
CA ILE A 174 4.62 -19.47 23.43
C ILE A 174 4.90 -18.72 24.73
N LYS A 175 6.16 -18.36 24.99
CA LYS A 175 6.50 -17.61 26.18
C LYS A 175 6.36 -16.11 25.88
N ASN A 176 5.21 -15.56 26.30
CA ASN A 176 4.86 -14.20 25.98
C ASN A 176 4.48 -13.39 27.22
N GLY A 177 4.72 -13.94 28.42
CA GLY A 177 4.57 -13.19 29.67
C GLY A 177 5.89 -13.18 30.44
N ASP A 178 5.84 -13.63 31.70
CA ASP A 178 6.99 -13.56 32.58
C ASP A 178 8.15 -14.41 32.04
N LYS A 179 7.90 -15.38 31.15
CA LYS A 179 8.95 -16.29 30.71
C LYS A 179 9.60 -15.84 29.38
N LYS A 180 9.06 -14.78 28.76
CA LYS A 180 9.55 -14.33 27.47
C LYS A 180 11.05 -14.09 27.47
N GLY A 181 11.57 -13.30 28.44
CA GLY A 181 12.96 -12.91 28.43
C GLY A 181 13.89 -14.13 28.51
N SER A 182 13.50 -15.03 29.43
CA SER A 182 14.21 -16.25 29.68
C SER A 182 14.28 -17.08 28.40
N CYS A 183 13.15 -17.13 27.66
CA CYS A 183 13.07 -17.86 26.42
C CYS A 183 13.97 -17.22 25.37
N GLU A 184 13.92 -15.89 25.22
CA GLU A 184 14.71 -15.22 24.19
C GLU A 184 16.21 -15.29 24.51
N ARG A 185 16.59 -15.16 25.78
CA ARG A 185 18.00 -15.12 26.15
C ARG A 185 18.70 -16.41 25.71
N ASP A 186 17.95 -17.52 25.66
CA ASP A 186 18.48 -18.84 25.36
C ASP A 186 18.94 -18.89 23.91
N ALA A 187 18.76 -17.81 23.16
CA ALA A 187 19.24 -17.78 21.80
C ALA A 187 20.77 -17.81 21.81
N GLN A 188 21.37 -17.55 22.97
CA GLN A 188 22.82 -17.51 23.10
C GLN A 188 23.44 -18.87 22.80
N TYR A 189 22.68 -19.94 23.01
CA TYR A 189 23.19 -21.27 22.80
C TYR A 189 22.98 -21.77 21.37
N ALA A 190 22.37 -20.97 20.48
CA ALA A 190 22.14 -21.48 19.14
C ALA A 190 23.45 -21.50 18.34
N PRO A 191 23.55 -22.29 17.24
CA PRO A 191 24.78 -22.37 16.45
C PRO A 191 25.13 -21.03 15.81
N GLY A 192 26.24 -20.44 16.25
CA GLY A 192 26.71 -19.22 15.61
C GLY A 192 26.36 -17.94 16.37
N TYR A 193 25.62 -18.04 17.49
CA TYR A 193 25.13 -16.88 18.22
C TYR A 193 25.78 -16.78 19.60
N ASP A 194 26.78 -17.63 19.82
CA ASP A 194 27.39 -17.78 21.13
C ASP A 194 28.25 -16.57 21.44
N LYS A 195 28.61 -15.77 20.42
CA LYS A 195 29.45 -14.62 20.70
C LYS A 195 28.65 -13.31 20.56
N VAL A 196 27.33 -13.39 20.71
CA VAL A 196 26.52 -12.21 20.52
C VAL A 196 26.35 -11.47 21.84
N LYS A 197 26.70 -10.18 21.88
CA LYS A 197 26.68 -9.38 23.10
C LYS A 197 25.24 -9.03 23.48
N ASP A 198 24.48 -8.53 22.49
CA ASP A 198 23.10 -8.11 22.68
C ASP A 198 22.15 -9.07 21.97
N ILE A 199 21.37 -9.85 22.73
CA ILE A 199 20.64 -10.96 22.13
C ILE A 199 19.60 -10.44 21.14
N SER A 200 19.21 -9.17 21.33
CA SER A 200 18.20 -8.55 20.49
C SER A 200 18.76 -8.22 19.11
N GLU A 201 20.07 -8.40 18.89
CA GLU A 201 20.62 -8.40 17.53
C GLU A 201 20.13 -9.60 16.71
N VAL A 202 19.82 -10.70 17.40
CA VAL A 202 19.41 -11.89 16.69
C VAL A 202 17.95 -12.23 17.01
N VAL A 203 17.45 -11.89 18.19
CA VAL A 203 16.01 -12.04 18.47
C VAL A 203 15.34 -10.68 18.34
N THR A 204 14.67 -10.46 17.20
CA THR A 204 14.11 -9.15 16.88
C THR A 204 12.67 -9.13 17.34
N PRO A 205 11.98 -7.98 17.35
CA PRO A 205 10.57 -7.94 17.73
C PRO A 205 9.66 -8.71 16.76
N ARG A 206 10.23 -9.32 15.71
CA ARG A 206 9.42 -10.18 14.83
C ARG A 206 9.21 -11.59 15.38
N PHE A 207 9.80 -11.95 16.53
CA PHE A 207 9.89 -13.35 16.88
C PHE A 207 9.03 -13.71 18.08
N LEU A 208 8.35 -14.85 17.98
CA LEU A 208 7.75 -15.53 19.12
C LEU A 208 8.67 -16.67 19.54
N CYS A 209 8.49 -17.15 20.78
CA CYS A 209 9.45 -18.08 21.35
C CYS A 209 8.74 -19.28 21.99
N THR A 210 9.10 -20.51 21.59
CA THR A 210 8.57 -21.69 22.25
C THR A 210 9.72 -22.60 22.71
N GLY A 211 9.38 -23.73 23.34
CA GLY A 211 10.39 -24.71 23.70
C GLY A 211 10.80 -24.59 25.17
N GLY A 212 11.69 -25.47 25.62
CA GLY A 212 12.09 -25.48 27.02
C GLY A 212 11.13 -26.29 27.90
N VAL A 213 11.32 -26.31 29.21
CA VAL A 213 10.62 -27.28 30.04
C VAL A 213 9.58 -26.64 30.97
N SER A 214 9.56 -25.32 31.03
CA SER A 214 8.65 -24.58 31.89
C SER A 214 7.79 -23.69 30.98
N PRO A 215 6.44 -23.75 31.02
CA PRO A 215 5.69 -24.57 31.98
C PRO A 215 5.58 -26.06 31.74
N TYR A 216 5.73 -26.53 30.49
CA TYR A 216 5.72 -27.96 30.19
C TYR A 216 6.90 -28.32 29.31
N ALA A 217 7.18 -29.61 29.14
CA ALA A 217 8.31 -30.03 28.33
C ALA A 217 7.86 -30.04 26.87
N ASP A 218 8.06 -28.91 26.17
CA ASP A 218 7.65 -28.69 24.79
C ASP A 218 8.52 -29.56 23.87
N PRO A 219 7.94 -30.25 22.87
CA PRO A 219 8.78 -30.85 21.83
C PRO A 219 9.43 -29.69 21.07
N ASN A 220 10.44 -30.01 20.25
CA ASN A 220 11.17 -29.00 19.50
C ASN A 220 10.94 -29.22 18.02
N THR A 221 11.23 -28.20 17.22
CA THR A 221 11.07 -28.29 15.78
C THR A 221 12.34 -28.89 15.20
N CYS A 222 12.19 -29.56 14.06
CA CYS A 222 13.31 -30.03 13.27
C CYS A 222 13.44 -29.05 12.11
N ARG A 223 14.62 -29.05 11.47
CA ARG A 223 14.86 -28.26 10.28
C ARG A 223 13.70 -28.39 9.28
N GLY A 224 13.23 -29.64 9.06
CA GLY A 224 12.23 -29.96 8.05
C GLY A 224 10.82 -29.46 8.40
N ASP A 225 10.68 -28.90 9.60
CA ASP A 225 9.42 -28.32 10.03
C ASP A 225 9.35 -26.82 9.69
N SER A 226 10.48 -26.23 9.27
CA SER A 226 10.61 -24.81 8.99
C SER A 226 9.56 -24.35 8.00
N GLY A 227 9.04 -23.14 8.20
CA GLY A 227 8.05 -22.63 7.27
C GLY A 227 6.63 -23.08 7.62
N GLY A 228 6.53 -24.16 8.41
CA GLY A 228 5.21 -24.63 8.78
C GLY A 228 4.53 -23.65 9.72
N PRO A 229 3.19 -23.70 9.87
CA PRO A 229 2.52 -22.74 10.75
C PRO A 229 2.68 -23.13 12.23
N LEU A 230 2.81 -22.10 13.08
CA LEU A 230 2.54 -22.15 14.51
C LEU A 230 1.11 -21.66 14.73
N ILE A 231 0.27 -22.51 15.34
CA ILE A 231 -1.17 -22.36 15.34
C ILE A 231 -1.68 -22.20 16.78
N VAL A 232 -2.70 -21.35 16.94
CA VAL A 232 -3.52 -21.32 18.13
C VAL A 232 -4.86 -22.01 17.84
N HIS A 233 -5.22 -22.98 18.69
CA HIS A 233 -6.48 -23.70 18.60
C HIS A 233 -7.45 -23.04 19.57
N LYS A 234 -8.39 -22.27 19.04
CA LYS A 234 -9.25 -21.46 19.89
C LYS A 234 -10.66 -21.53 19.31
N ARG A 235 -11.64 -21.82 20.18
CA ARG A 235 -13.04 -21.78 19.82
C ARG A 235 -13.32 -22.76 18.68
N SER A 236 -12.62 -23.91 18.70
CA SER A 236 -12.76 -24.96 17.70
C SER A 236 -12.27 -24.54 16.32
N ARG A 237 -11.41 -23.52 16.24
CA ARG A 237 -10.84 -23.12 14.95
C ARG A 237 -9.32 -23.05 15.09
N PHE A 238 -8.63 -23.00 13.95
CA PHE A 238 -7.18 -22.94 13.93
C PHE A 238 -6.76 -21.61 13.31
N ILE A 239 -6.06 -20.77 14.10
CA ILE A 239 -5.57 -19.50 13.59
C ILE A 239 -4.05 -19.61 13.46
N GLN A 240 -3.47 -19.13 12.37
CA GLN A 240 -2.01 -19.16 12.29
C GLN A 240 -1.44 -17.91 12.95
N VAL A 241 -0.54 -18.07 13.94
CA VAL A 241 0.01 -16.89 14.60
C VAL A 241 1.45 -16.65 14.17
N GLY A 242 2.15 -17.71 13.76
CA GLY A 242 3.54 -17.58 13.40
C GLY A 242 3.97 -18.57 12.31
N VAL A 243 5.20 -18.37 11.83
CA VAL A 243 5.85 -19.24 10.88
C VAL A 243 7.14 -19.72 11.54
N ILE A 244 7.28 -21.05 11.66
CA ILE A 244 8.45 -21.67 12.27
C ILE A 244 9.72 -21.24 11.51
N SER A 245 10.69 -20.70 12.25
CA SER A 245 11.87 -20.12 11.62
C SER A 245 13.11 -20.94 11.97
N TRP A 246 13.50 -20.87 13.24
CA TRP A 246 14.77 -21.47 13.61
C TRP A 246 14.72 -21.95 15.05
N GLY A 247 15.64 -22.86 15.36
CA GLY A 247 15.72 -23.40 16.71
C GLY A 247 17.13 -23.27 17.27
N VAL A 248 17.28 -23.55 18.55
CA VAL A 248 18.56 -23.50 19.23
C VAL A 248 19.30 -24.82 19.08
N VAL A 249 18.65 -25.99 19.18
CA VAL A 249 19.35 -27.24 18.95
C VAL A 249 18.60 -28.09 17.93
N ASP A 250 19.34 -28.81 17.10
CA ASP A 250 18.71 -29.74 16.17
C ASP A 250 18.52 -31.08 16.91
N VAL A 251 17.28 -31.42 17.24
CA VAL A 251 17.04 -32.60 18.04
C VAL A 251 16.77 -33.82 17.14
N CYS A 252 16.87 -33.70 15.82
CA CYS A 252 16.36 -34.77 14.98
C CYS A 252 17.15 -34.91 13.69
N GLN A 260 19.56 -36.39 24.82
CA GLN A 260 19.59 -35.28 25.81
C GLN A 260 19.28 -33.95 25.12
N VAL A 261 18.14 -33.37 25.51
CA VAL A 261 17.61 -32.11 24.98
C VAL A 261 17.73 -31.06 26.09
N PRO A 262 18.63 -30.03 26.04
CA PRO A 262 18.67 -29.04 27.14
C PRO A 262 17.36 -28.27 27.33
N ALA A 263 17.16 -27.73 28.54
CA ALA A 263 15.98 -26.92 28.83
C ALA A 263 16.10 -25.56 28.15
N HIS A 264 17.24 -25.33 27.45
CA HIS A 264 17.44 -24.11 26.68
C HIS A 264 17.22 -24.35 25.19
N ALA A 265 16.55 -25.46 24.85
CA ALA A 265 16.22 -25.74 23.46
C ALA A 265 14.94 -24.98 23.09
N ARG A 266 15.13 -23.78 22.55
CA ARG A 266 13.97 -22.97 22.24
C ARG A 266 13.74 -22.95 20.73
N ASP A 267 12.50 -22.68 20.34
CA ASP A 267 12.18 -22.44 18.94
C ASP A 267 11.68 -21.02 18.75
N PHE A 268 12.05 -20.41 17.62
CA PHE A 268 11.68 -19.05 17.27
C PHE A 268 10.86 -19.05 15.98
N HIS A 269 9.80 -18.24 15.97
CA HIS A 269 8.84 -18.20 14.84
C HIS A 269 8.60 -16.74 14.49
N ILE A 270 8.38 -16.46 13.20
CA ILE A 270 7.99 -15.11 12.80
C ILE A 270 6.56 -14.89 13.22
N ASN A 271 6.35 -13.87 14.04
CA ASN A 271 5.03 -13.50 14.50
C ASN A 271 4.29 -12.78 13.36
N LEU A 272 3.18 -13.32 12.87
CA LEU A 272 2.57 -12.80 11.65
C LEU A 272 1.93 -11.44 11.92
N PHE A 273 1.71 -11.12 13.20
CA PHE A 273 1.17 -9.82 13.52
C PHE A 273 2.18 -8.71 13.23
N GLN A 274 3.45 -9.09 12.92
CA GLN A 274 4.54 -8.13 12.75
C GLN A 274 4.95 -8.01 11.29
N VAL A 275 4.24 -8.72 10.38
CA VAL A 275 4.53 -8.63 8.95
C VAL A 275 3.24 -8.34 8.17
N LEU A 276 2.30 -7.58 8.77
CA LEU A 276 1.00 -7.42 8.14
C LEU A 276 1.06 -6.49 6.92
N PRO A 277 1.79 -5.36 6.93
CA PRO A 277 1.87 -4.53 5.72
C PRO A 277 2.14 -5.39 4.49
N TRP A 278 3.13 -6.27 4.62
CA TRP A 278 3.49 -7.19 3.57
C TRP A 278 2.38 -8.20 3.23
N LEU A 279 1.83 -8.89 4.25
CA LEU A 279 0.80 -9.88 4.02
C LEU A 279 -0.40 -9.25 3.31
N LYS A 280 -0.85 -8.08 3.81
CA LYS A 280 -1.98 -7.35 3.26
C LYS A 280 -1.73 -7.03 1.80
N GLU A 281 -0.49 -6.61 1.47
CA GLU A 281 -0.22 -6.18 0.11
C GLU A 281 -0.26 -7.37 -0.84
N LYS A 282 0.45 -8.45 -0.50
CA LYS A 282 0.53 -9.60 -1.38
C LYS A 282 -0.80 -10.34 -1.45
N LEU A 283 -1.62 -10.29 -0.40
CA LEU A 283 -2.84 -11.08 -0.39
C LEU A 283 -4.07 -10.19 -0.62
N GLN A 284 -3.88 -8.95 -1.08
CA GLN A 284 -4.97 -8.01 -1.27
C GLN A 284 -6.06 -8.55 -2.20
N ASP A 285 -5.77 -9.48 -3.11
CA ASP A 285 -6.85 -9.95 -3.96
C ASP A 285 -7.42 -11.30 -3.54
N GLU A 286 -7.10 -11.80 -2.35
CA GLU A 286 -7.49 -13.15 -2.01
C GLU A 286 -8.80 -13.22 -1.23
N ASP A 287 -9.57 -12.13 -1.15
CA ASP A 287 -10.81 -12.09 -0.38
C ASP A 287 -10.60 -12.57 1.06
N LEU A 288 -9.55 -12.13 1.75
CA LEU A 288 -9.36 -12.58 3.11
C LEU A 288 -9.96 -11.59 4.08
N GLY A 289 -10.28 -10.39 3.58
CA GLY A 289 -10.86 -9.33 4.39
C GLY A 289 -9.89 -8.85 5.46
N PHE A 290 -8.66 -8.46 5.04
CA PHE A 290 -7.73 -7.91 6.01
C PHE A 290 -8.35 -6.67 6.60
N LEU A 291 -8.20 -6.51 7.90
CA LEU A 291 -8.57 -5.28 8.56
C LEU A 291 -7.59 -4.17 8.18
N SER B 3 -21.97 5.80 -11.30
CA SER B 3 -20.80 6.22 -10.35
C SER B 3 -20.16 7.55 -10.74
N LEU B 4 -21.04 8.52 -11.03
CA LEU B 4 -20.86 9.94 -10.85
C LEU B 4 -21.26 10.26 -9.41
N CYS B 5 -20.32 10.85 -8.67
CA CYS B 5 -20.50 11.14 -7.26
C CYS B 5 -20.96 12.59 -7.05
N GLY B 6 -21.60 12.82 -5.89
CA GLY B 6 -21.91 14.15 -5.42
C GLY B 6 -22.96 14.84 -6.27
N MET B 7 -23.91 14.09 -6.82
CA MET B 7 -24.95 14.66 -7.65
C MET B 7 -26.33 14.35 -7.07
N VAL B 8 -27.25 15.31 -7.14
CA VAL B 8 -28.57 15.26 -6.53
C VAL B 8 -29.64 15.03 -7.60
N THR B 15 -38.59 14.94 -1.79
CA THR B 15 -38.26 14.65 -0.37
C THR B 15 -36.78 14.95 -0.07
N ASP B 16 -36.44 14.83 1.22
CA ASP B 16 -35.20 15.30 1.81
C ASP B 16 -34.02 14.38 1.49
N TYR B 17 -34.30 13.08 1.26
CA TYR B 17 -33.22 12.18 0.88
C TYR B 17 -33.01 12.21 -0.64
N HIS B 18 -33.76 13.06 -1.35
CA HIS B 18 -33.45 13.42 -2.73
C HIS B 18 -32.39 14.51 -2.72
N LYS B 19 -32.40 15.33 -1.68
CA LYS B 19 -31.56 16.51 -1.58
C LYS B 19 -30.20 16.16 -0.95
N GLN B 20 -30.17 15.14 -0.09
CA GLN B 20 -28.91 14.68 0.49
C GLN B 20 -28.80 13.17 0.36
N PRO B 21 -28.68 12.62 -0.87
CA PRO B 21 -28.74 11.17 -1.07
C PRO B 21 -27.62 10.31 -0.52
N TRP B 22 -26.52 10.93 -0.05
CA TRP B 22 -25.37 10.24 0.53
C TRP B 22 -25.57 10.09 2.02
N GLN B 23 -26.60 10.72 2.59
CA GLN B 23 -26.71 10.79 4.04
C GLN B 23 -27.03 9.41 4.65
N ALA B 24 -26.34 9.08 5.74
CA ALA B 24 -26.53 7.81 6.44
C ALA B 24 -26.84 8.13 7.90
N LYS B 25 -27.72 7.35 8.51
CA LYS B 25 -28.08 7.59 9.88
C LYS B 25 -27.57 6.40 10.69
N ILE B 26 -26.88 6.64 11.81
CA ILE B 26 -26.27 5.58 12.61
C ILE B 26 -26.81 5.63 14.03
N SER B 27 -27.15 4.44 14.57
CA SER B 27 -27.54 4.20 15.96
C SER B 27 -26.66 3.14 16.59
N VAL B 28 -26.18 3.41 17.80
CA VAL B 28 -25.53 2.42 18.65
C VAL B 28 -26.30 2.34 19.98
N ILE B 29 -26.65 1.14 20.47
CA ILE B 29 -27.17 1.01 21.85
C ILE B 29 -26.05 0.57 22.81
N GLY B 34 -27.36 3.67 27.20
CA GLY B 34 -27.06 4.87 26.40
C GLY B 34 -27.23 4.58 24.91
N HIS B 35 -28.41 4.85 24.35
CA HIS B 35 -28.60 4.99 22.90
C HIS B 35 -27.93 6.28 22.42
N GLU B 36 -27.08 6.15 21.39
CA GLU B 36 -26.30 7.24 20.82
C GLU B 36 -26.60 7.31 19.31
N SER B 37 -26.60 8.55 18.76
CA SER B 37 -26.81 8.79 17.34
C SER B 37 -25.54 9.29 16.66
N CYS B 38 -25.39 8.93 15.39
CA CYS B 38 -24.36 9.56 14.58
C CYS B 38 -24.89 9.65 13.16
N MET B 39 -24.11 10.32 12.29
CA MET B 39 -24.40 10.35 10.87
C MET B 39 -23.20 9.82 10.12
N GLY B 40 -23.37 9.67 8.81
CA GLY B 40 -22.33 9.23 7.91
C GLY B 40 -22.68 9.54 6.47
N ALA B 41 -21.74 9.23 5.57
CA ALA B 41 -21.94 9.48 4.16
C ALA B 41 -21.59 8.20 3.42
N VAL B 42 -22.42 7.86 2.44
CA VAL B 42 -22.12 6.83 1.48
C VAL B 42 -20.97 7.32 0.59
N VAL B 43 -19.91 6.51 0.46
CA VAL B 43 -18.76 6.92 -0.34
C VAL B 43 -18.47 5.91 -1.46
N SER B 44 -19.10 4.74 -1.39
CA SER B 44 -19.07 3.74 -2.45
C SER B 44 -20.23 2.76 -2.20
N GLU B 45 -20.34 1.74 -3.04
CA GLU B 45 -21.55 0.94 -2.88
C GLU B 45 -21.40 -0.02 -1.70
N TYR B 46 -20.21 -0.07 -1.07
CA TYR B 46 -20.07 -0.95 0.08
C TYR B 46 -19.72 -0.20 1.37
N PHE B 47 -19.55 1.13 1.29
CA PHE B 47 -18.91 1.81 2.41
C PHE B 47 -19.61 3.10 2.87
N VAL B 48 -19.76 3.25 4.18
CA VAL B 48 -20.22 4.51 4.76
C VAL B 48 -19.12 5.11 5.63
N LEU B 49 -18.82 6.40 5.44
CA LEU B 49 -17.76 7.07 6.15
C LEU B 49 -18.36 7.80 7.35
N THR B 50 -17.70 7.74 8.51
CA THR B 50 -18.27 8.24 9.75
C THR B 50 -17.16 8.55 10.78
N ALA B 51 -17.52 8.83 12.04
CA ALA B 51 -16.52 9.17 13.07
C ALA B 51 -16.21 7.95 13.92
N ALA B 52 -14.93 7.76 14.27
CA ALA B 52 -14.53 6.64 15.11
C ALA B 52 -15.24 6.65 16.48
N HIS B 53 -15.45 7.84 17.05
CA HIS B 53 -15.91 7.95 18.42
C HIS B 53 -17.38 7.57 18.54
N CYS B 54 -18.04 7.18 17.45
CA CYS B 54 -19.43 6.78 17.51
C CYS B 54 -19.58 5.36 18.04
N PHE B 55 -18.46 4.66 18.32
CA PHE B 55 -18.54 3.23 18.58
C PHE B 55 -18.28 2.80 20.03
N SER B 63 -27.59 -3.07 19.18
CA SER B 63 -26.19 -2.60 18.93
C SER B 63 -26.19 -1.67 17.73
N ILE B 64 -25.53 -1.98 16.61
CA ILE B 64 -25.19 -0.97 15.62
C ILE B 64 -26.19 -0.97 14.47
N LYS B 65 -26.88 0.15 14.23
CA LYS B 65 -27.86 0.28 13.16
C LYS B 65 -27.35 1.33 12.16
N VAL B 66 -27.32 0.99 10.86
CA VAL B 66 -26.99 1.96 9.81
C VAL B 66 -28.14 1.98 8.83
N SER B 67 -28.62 3.16 8.43
CA SER B 67 -29.58 3.12 7.33
C SER B 67 -29.41 4.29 6.37
N VAL B 68 -29.76 4.03 5.10
CA VAL B 68 -29.59 5.02 4.04
C VAL B 68 -30.96 5.27 3.41
N GLY B 69 -31.06 6.34 2.61
CA GLY B 69 -32.20 6.61 1.75
C GLY B 69 -33.50 6.84 2.51
N GLY B 70 -33.45 7.04 3.83
CA GLY B 70 -34.66 7.23 4.61
C GLY B 70 -35.40 5.91 4.90
N GLU B 71 -34.79 4.77 4.59
CA GLU B 71 -35.45 3.47 4.77
C GLU B 71 -35.56 3.12 6.26
N LYS B 72 -36.58 2.33 6.58
CA LYS B 72 -36.75 1.76 7.91
C LYS B 72 -35.75 0.62 8.11
N ARG B 73 -35.30 0.00 7.02
CA ARG B 73 -34.35 -1.10 6.99
C ARG B 73 -33.01 -0.67 7.62
N ASP B 74 -32.40 -1.57 8.40
CA ASP B 74 -31.06 -1.44 8.94
C ASP B 74 -30.10 -2.33 8.14
N LEU B 75 -29.07 -1.75 7.53
CA LEU B 75 -28.18 -2.50 6.67
C LEU B 75 -27.29 -3.46 7.47
N GLU B 76 -26.96 -4.58 6.83
CA GLU B 76 -26.10 -5.62 7.38
C GLU B 76 -24.65 -5.14 7.34
N ILE B 77 -24.01 -5.11 8.51
CA ILE B 77 -22.63 -4.63 8.62
C ILE B 77 -21.64 -5.79 8.50
N GLU B 78 -20.58 -5.63 7.70
CA GLU B 78 -19.60 -6.67 7.58
C GLU B 78 -18.48 -6.41 8.58
N VAL B 79 -17.89 -5.21 8.52
CA VAL B 79 -16.82 -4.82 9.43
C VAL B 79 -16.95 -3.32 9.69
N VAL B 80 -16.37 -2.81 10.77
CA VAL B 80 -16.16 -1.38 10.93
C VAL B 80 -14.66 -1.19 11.08
N LEU B 81 -14.04 -0.40 10.20
CA LEU B 81 -12.62 -0.13 10.23
C LEU B 81 -12.37 1.21 10.92
N PHE B 82 -11.43 1.24 11.87
CA PHE B 82 -11.04 2.48 12.54
C PHE B 82 -9.68 2.97 12.05
N HIS B 83 -9.49 4.28 12.03
CA HIS B 83 -8.19 4.83 11.67
C HIS B 83 -7.16 4.33 12.67
N PRO B 84 -6.05 3.73 12.19
CA PRO B 84 -5.04 3.17 13.09
C PRO B 84 -4.49 4.18 14.10
N ASN B 85 -4.56 5.49 13.84
CA ASN B 85 -3.95 6.42 14.78
C ASN B 85 -5.00 6.98 15.75
N TYR B 86 -6.25 6.50 15.67
CA TYR B 86 -7.27 7.03 16.56
C TYR B 86 -7.10 6.41 17.95
N ASN B 87 -7.14 7.23 18.98
CA ASN B 87 -7.15 6.73 20.34
C ASN B 87 -7.76 7.78 21.25
N ILE B 88 -9.07 7.62 21.57
CA ILE B 88 -9.80 8.59 22.37
C ILE B 88 -9.03 8.88 23.67
N ASN B 89 -8.32 7.86 24.21
CA ASN B 89 -7.60 7.94 25.47
C ASN B 89 -6.13 8.27 25.28
N GLY B 90 -5.74 8.54 24.04
CA GLY B 90 -4.38 8.86 23.67
C GLY B 90 -3.63 9.80 24.63
N LYS B 91 -4.30 10.75 25.27
CA LYS B 91 -3.60 11.76 26.06
C LYS B 91 -4.20 11.91 27.45
N LYS B 92 -4.63 10.79 28.05
CA LYS B 92 -5.17 10.85 29.40
C LYS B 92 -4.07 11.24 30.38
N GLU B 93 -2.92 10.55 30.26
CA GLU B 93 -1.75 10.81 31.08
C GLU B 93 -1.47 12.32 31.11
N ALA B 94 -1.66 13.03 30.00
CA ALA B 94 -1.40 14.46 29.99
C ALA B 94 -2.58 15.26 30.53
N GLY B 95 -3.58 14.56 31.09
CA GLY B 95 -4.77 15.21 31.62
C GLY B 95 -5.71 15.79 30.55
N ILE B 96 -5.71 15.20 29.35
CA ILE B 96 -6.71 15.53 28.34
C ILE B 96 -7.71 14.37 28.28
N PRO B 97 -8.96 14.53 28.76
CA PRO B 97 -9.89 13.41 28.89
C PRO B 97 -10.17 12.65 27.60
N GLU B 98 -10.43 13.37 26.51
CA GLU B 98 -10.77 12.80 25.21
C GLU B 98 -10.00 13.54 24.13
N PHE B 99 -9.38 12.79 23.22
CA PHE B 99 -8.52 13.32 22.19
C PHE B 99 -9.08 12.83 20.86
N TYR B 100 -9.42 13.74 19.92
CA TYR B 100 -10.17 13.33 18.75
C TYR B 100 -9.33 13.22 17.48
N ASP B 101 -8.00 13.14 17.61
CA ASP B 101 -7.17 13.01 16.41
C ASP B 101 -7.60 11.78 15.61
N TYR B 102 -7.67 11.93 14.26
CA TYR B 102 -7.97 10.83 13.35
C TYR B 102 -9.33 10.22 13.64
N ASP B 103 -10.34 11.04 13.90
CA ASP B 103 -11.62 10.54 14.36
C ASP B 103 -12.46 10.12 13.16
N VAL B 104 -12.04 9.09 12.43
CA VAL B 104 -12.77 8.64 11.25
C VAL B 104 -12.84 7.11 11.27
N ALA B 105 -13.93 6.58 10.71
CA ALA B 105 -14.15 5.15 10.61
C ALA B 105 -14.97 4.84 9.34
N LEU B 106 -14.70 3.65 8.75
CA LEU B 106 -15.44 3.17 7.60
C LEU B 106 -16.25 1.94 8.00
N ILE B 107 -17.57 1.99 7.72
CA ILE B 107 -18.46 0.87 7.91
C ILE B 107 -18.57 0.14 6.58
N LYS B 108 -18.14 -1.12 6.54
CA LYS B 108 -18.28 -1.91 5.34
C LYS B 108 -19.60 -2.68 5.41
N LEU B 109 -20.41 -2.57 4.35
CA LEU B 109 -21.66 -3.28 4.24
C LEU B 109 -21.46 -4.68 3.65
N LYS B 110 -22.30 -5.65 4.09
CA LYS B 110 -22.33 -6.97 3.46
C LYS B 110 -22.82 -6.87 2.00
N ASN B 111 -23.78 -6.00 1.71
CA ASN B 111 -24.42 -6.03 0.40
C ASN B 111 -24.22 -4.71 -0.33
N LYS B 112 -24.03 -4.81 -1.65
CA LYS B 112 -23.95 -3.68 -2.58
C LYS B 112 -25.19 -2.82 -2.41
N LEU B 113 -25.01 -1.54 -2.08
CA LEU B 113 -26.07 -0.57 -2.14
C LEU B 113 -26.57 -0.43 -3.58
N LYS B 114 -27.87 -0.22 -3.77
CA LYS B 114 -28.40 0.10 -5.10
C LYS B 114 -28.57 1.61 -5.25
N TYR B 115 -27.78 2.24 -6.13
CA TYR B 115 -27.87 3.67 -6.31
C TYR B 115 -29.20 3.99 -6.99
N GLY B 116 -29.82 5.08 -6.58
CA GLY B 116 -31.14 5.48 -7.02
C GLY B 116 -31.26 7.00 -6.93
N GLN B 117 -32.48 7.52 -6.75
CA GLN B 117 -32.58 8.95 -6.61
C GLN B 117 -32.45 9.35 -5.13
N THR B 118 -32.54 8.35 -4.24
CA THR B 118 -32.46 8.59 -2.81
C THR B 118 -31.16 8.04 -2.20
N ILE B 119 -30.39 7.26 -2.95
CA ILE B 119 -29.15 6.69 -2.46
C ILE B 119 -28.05 6.93 -3.50
N ARG B 120 -27.13 7.87 -3.23
CA ARG B 120 -26.05 8.18 -4.16
C ARG B 120 -24.78 8.42 -3.34
N PRO B 121 -23.56 8.20 -3.88
CA PRO B 121 -22.33 8.46 -3.11
C PRO B 121 -21.88 9.90 -3.24
N ILE B 122 -21.25 10.43 -2.18
CA ILE B 122 -20.65 11.74 -2.26
C ILE B 122 -19.23 11.60 -2.81
N CYS B 123 -18.70 12.68 -3.40
CA CYS B 123 -17.33 12.71 -3.87
C CYS B 123 -16.37 12.82 -2.69
N LEU B 124 -15.24 12.10 -2.80
CA LEU B 124 -14.15 12.22 -1.84
C LEU B 124 -13.01 13.02 -2.45
N PRO B 125 -12.17 13.68 -1.62
CA PRO B 125 -11.02 14.43 -2.16
C PRO B 125 -9.99 13.53 -2.84
N CYS B 126 -9.28 14.07 -3.85
CA CYS B 126 -8.21 13.41 -4.56
C CYS B 126 -8.67 12.13 -5.25
N THR B 127 -9.79 12.26 -5.98
CA THR B 127 -10.34 11.17 -6.77
C THR B 127 -10.72 11.68 -8.15
N GLU B 128 -10.90 10.75 -9.08
CA GLU B 128 -11.34 11.10 -10.43
C GLU B 128 -12.79 11.64 -10.36
N GLY B 129 -13.62 11.03 -9.50
CA GLY B 129 -14.95 11.49 -9.21
C GLY B 129 -14.98 13.00 -8.96
N THR B 130 -14.05 13.49 -8.14
CA THR B 130 -14.03 14.90 -7.83
C THR B 130 -13.50 15.66 -9.05
N THR B 131 -12.51 15.11 -9.75
CA THR B 131 -12.09 15.82 -10.94
C THR B 131 -13.26 15.99 -11.92
N ARG B 132 -14.07 14.94 -12.14
CA ARG B 132 -15.21 15.04 -13.05
C ARG B 132 -16.20 16.08 -12.52
N ALA B 133 -16.55 15.96 -11.24
CA ALA B 133 -17.63 16.76 -10.69
C ALA B 133 -17.31 18.24 -10.84
N LEU B 134 -16.02 18.59 -10.71
CA LEU B 134 -15.59 19.98 -10.71
C LEU B 134 -15.24 20.43 -12.14
N ARG B 135 -15.53 19.57 -13.13
CA ARG B 135 -15.28 19.81 -14.55
C ARG B 135 -13.81 20.20 -14.76
N LEU B 136 -12.90 19.50 -14.09
CA LEU B 136 -11.48 19.81 -14.19
C LEU B 136 -10.77 18.92 -15.21
N PRO B 137 -9.59 19.37 -15.73
CA PRO B 137 -8.83 18.57 -16.69
C PRO B 137 -8.23 17.27 -16.13
N PRO B 138 -7.95 16.27 -17.00
CA PRO B 138 -7.48 14.96 -16.56
C PRO B 138 -6.11 14.93 -15.87
N THR B 139 -5.39 16.05 -15.96
CA THR B 139 -4.10 16.15 -15.32
C THR B 139 -4.22 16.81 -13.95
N THR B 140 -5.46 16.96 -13.45
CA THR B 140 -5.64 17.65 -12.19
C THR B 140 -5.04 16.81 -11.08
N THR B 141 -4.19 17.44 -10.26
CA THR B 141 -3.53 16.74 -9.17
C THR B 141 -4.33 16.84 -7.86
N CYS B 142 -3.94 16.00 -6.90
CA CYS B 142 -4.51 16.03 -5.57
C CYS B 142 -4.27 17.41 -4.93
N GLN B 143 -3.07 17.97 -5.10
CA GLN B 143 -2.78 19.31 -4.62
C GLN B 143 -3.72 20.35 -5.24
N GLN B 144 -3.92 20.31 -6.56
CA GLN B 144 -4.80 21.29 -7.18
C GLN B 144 -6.22 21.21 -6.60
N GLN B 145 -6.69 20.00 -6.26
CA GLN B 145 -8.03 19.82 -5.69
C GLN B 145 -8.12 20.49 -4.32
N LYS B 146 -7.11 20.26 -3.47
CA LYS B 146 -7.02 20.85 -2.14
C LYS B 146 -7.09 22.38 -2.23
N GLU B 147 -6.42 22.94 -3.25
CA GLU B 147 -6.30 24.36 -3.45
C GLU B 147 -7.62 24.97 -3.92
N GLU B 148 -8.40 24.18 -4.65
CA GLU B 148 -9.69 24.65 -5.11
C GLU B 148 -10.73 24.53 -3.99
N LEU B 149 -10.66 23.46 -3.21
CA LEU B 149 -11.72 23.08 -2.30
C LEU B 149 -11.48 23.69 -0.92
N LEU B 150 -10.21 23.74 -0.51
CA LEU B 150 -9.84 24.25 0.79
C LEU B 150 -8.84 25.41 0.66
N PRO B 151 -9.17 26.56 0.01
CA PRO B 151 -8.24 27.68 -0.09
C PRO B 151 -7.99 28.31 1.26
N ALA B 152 -6.98 29.20 1.35
CA ALA B 152 -6.65 29.79 2.65
C ALA B 152 -7.54 31.01 2.88
N GLN B 153 -8.80 30.74 3.23
CA GLN B 153 -9.76 31.79 3.45
C GLN B 153 -10.94 31.21 4.23
N ASP B 154 -12.04 31.97 4.27
CA ASP B 154 -13.27 31.49 4.88
C ASP B 154 -14.06 30.73 3.81
N ILE B 155 -14.28 29.42 3.99
CA ILE B 155 -14.85 28.60 2.95
C ILE B 155 -16.32 28.31 3.26
N LYS B 156 -17.19 28.65 2.31
CA LYS B 156 -18.60 28.26 2.41
C LYS B 156 -18.74 26.74 2.31
N ALA B 157 -19.44 26.16 3.28
CA ALA B 157 -19.64 24.72 3.37
C ALA B 157 -21.00 24.47 4.00
N LEU B 158 -21.42 23.21 4.02
CA LEU B 158 -22.61 22.85 4.76
C LEU B 158 -22.43 21.48 5.40
N PHE B 159 -23.32 21.20 6.35
CA PHE B 159 -23.48 19.87 6.88
C PHE B 159 -24.98 19.66 7.02
N VAL B 160 -25.39 18.43 7.29
CA VAL B 160 -26.80 18.08 7.29
C VAL B 160 -27.13 17.61 8.71
N SER B 161 -28.24 18.14 9.22
CA SER B 161 -28.64 17.95 10.60
C SER B 161 -29.98 17.26 10.67
N GLU B 162 -30.32 16.77 11.86
CA GLU B 162 -31.67 16.27 12.07
C GLU B 162 -32.44 17.16 13.04
N GLU B 163 -33.53 17.76 12.57
CA GLU B 163 -34.51 18.41 13.43
C GLU B 163 -35.89 18.32 12.77
N GLU B 164 -36.95 18.31 13.60
CA GLU B 164 -38.30 17.96 13.17
C GLU B 164 -38.32 16.51 12.67
N LYS B 165 -37.22 15.75 12.83
CA LYS B 165 -36.99 14.45 12.23
C LYS B 165 -37.09 14.52 10.70
N LYS B 166 -36.61 15.64 10.16
CA LYS B 166 -36.29 15.80 8.75
C LYS B 166 -34.81 16.19 8.60
N LEU B 167 -34.26 16.00 7.40
CA LEU B 167 -32.88 16.39 7.17
C LEU B 167 -32.84 17.83 6.69
N THR B 168 -31.99 18.66 7.32
CA THR B 168 -31.93 20.08 6.97
C THR B 168 -30.47 20.52 6.82
N ARG B 169 -30.15 21.20 5.70
CA ARG B 169 -28.80 21.69 5.43
C ARG B 169 -28.50 22.92 6.29
N LYS B 170 -27.24 23.05 6.71
CA LYS B 170 -26.83 24.17 7.54
C LYS B 170 -25.53 24.74 6.99
N GLU B 171 -25.55 26.04 6.68
CA GLU B 171 -24.41 26.65 6.02
C GLU B 171 -23.41 27.11 7.07
N VAL B 172 -22.17 26.69 6.93
CA VAL B 172 -21.12 27.09 7.86
C VAL B 172 -19.93 27.56 7.05
N TYR B 173 -18.99 28.20 7.73
CA TYR B 173 -17.76 28.68 7.10
C TYR B 173 -16.56 28.05 7.80
N ILE B 174 -15.70 27.39 7.02
CA ILE B 174 -14.47 26.85 7.56
C ILE B 174 -13.49 28.01 7.67
N LYS B 175 -12.90 28.19 8.86
CA LYS B 175 -11.92 29.25 9.03
C LYS B 175 -10.54 28.68 8.68
N ASN B 176 -10.12 28.95 7.43
CA ASN B 176 -8.90 28.37 6.89
C ASN B 176 -7.93 29.44 6.38
N GLY B 177 -8.19 30.71 6.70
CA GLY B 177 -7.25 31.77 6.41
C GLY B 177 -6.91 32.58 7.66
N ASP B 178 -7.17 33.89 7.57
CA ASP B 178 -6.87 34.84 8.63
C ASP B 178 -7.56 34.47 9.95
N LYS B 179 -8.69 33.73 9.91
CA LYS B 179 -9.45 33.45 11.11
C LYS B 179 -9.14 32.10 11.75
N LYS B 180 -8.29 31.30 11.09
CA LYS B 180 -8.03 29.94 11.53
C LYS B 180 -7.63 29.87 13.01
N GLY B 181 -6.60 30.63 13.41
CA GLY B 181 -6.03 30.52 14.74
C GLY B 181 -7.07 30.88 15.80
N SER B 182 -7.80 31.94 15.50
CA SER B 182 -8.83 32.48 16.36
C SER B 182 -9.92 31.43 16.57
N CYS B 183 -10.28 30.71 15.48
CA CYS B 183 -11.24 29.60 15.58
C CYS B 183 -10.69 28.47 16.44
N GLU B 184 -9.43 28.07 16.20
CA GLU B 184 -8.84 26.96 16.94
C GLU B 184 -8.69 27.27 18.43
N ARG B 185 -8.30 28.51 18.76
CA ARG B 185 -8.01 28.88 20.14
C ARG B 185 -9.24 28.64 21.03
N ASP B 186 -10.43 28.79 20.45
CA ASP B 186 -11.68 28.69 21.18
C ASP B 186 -11.90 27.26 21.70
N ALA B 187 -10.99 26.34 21.37
CA ALA B 187 -11.13 24.99 21.87
C ALA B 187 -10.94 24.99 23.38
N GLN B 188 -10.42 26.10 23.92
CA GLN B 188 -10.12 26.18 25.34
C GLN B 188 -11.41 26.07 26.16
N TYR B 189 -12.54 26.43 25.58
CA TYR B 189 -13.80 26.41 26.30
C TYR B 189 -14.52 25.06 26.18
N ALA B 190 -13.96 24.07 25.50
CA ALA B 190 -14.69 22.82 25.31
C ALA B 190 -14.67 22.00 26.59
N PRO B 191 -15.59 21.02 26.76
CA PRO B 191 -15.62 20.16 27.96
C PRO B 191 -14.34 19.36 28.10
N GLY B 192 -13.58 19.65 29.16
CA GLY B 192 -12.38 18.90 29.49
C GLY B 192 -11.09 19.61 29.09
N TYR B 193 -11.14 20.75 28.37
CA TYR B 193 -9.96 21.31 27.72
C TYR B 193 -9.56 22.65 28.33
N ASP B 194 -10.24 23.03 29.42
CA ASP B 194 -10.10 24.35 29.99
C ASP B 194 -8.75 24.49 30.68
N LYS B 195 -8.10 23.37 30.97
CA LYS B 195 -6.82 23.45 31.67
C LYS B 195 -5.66 23.13 30.73
N VAL B 196 -5.88 23.21 29.42
CA VAL B 196 -4.86 22.82 28.45
C VAL B 196 -3.98 24.03 28.12
N LYS B 197 -2.66 23.86 28.27
CA LYS B 197 -1.70 24.94 28.12
C LYS B 197 -1.50 25.24 26.64
N ASP B 198 -1.27 24.19 25.84
CA ASP B 198 -1.02 24.33 24.42
C ASP B 198 -2.21 23.81 23.60
N ILE B 199 -2.90 24.70 22.88
CA ILE B 199 -4.17 24.30 22.29
C ILE B 199 -3.93 23.26 21.20
N SER B 200 -2.71 23.24 20.67
CA SER B 200 -2.37 22.31 19.60
C SER B 200 -2.19 20.89 20.12
N GLU B 201 -2.25 20.70 21.44
CA GLU B 201 -2.36 19.36 22.01
C GLU B 201 -3.74 18.76 21.75
N VAL B 202 -4.76 19.59 21.52
CA VAL B 202 -6.08 19.06 21.25
C VAL B 202 -6.52 19.39 19.83
N VAL B 203 -6.05 20.52 19.26
CA VAL B 203 -6.38 20.84 17.88
C VAL B 203 -5.17 20.50 17.01
N THR B 204 -5.25 19.36 16.31
CA THR B 204 -4.10 18.86 15.56
C THR B 204 -4.22 19.34 14.13
N PRO B 205 -3.20 19.14 13.25
CA PRO B 205 -3.32 19.52 11.84
C PRO B 205 -4.36 18.70 11.10
N ARG B 206 -5.01 17.73 11.78
CA ARG B 206 -6.09 16.96 11.14
C ARG B 206 -7.44 17.69 11.12
N PHE B 207 -7.54 18.88 11.74
CA PHE B 207 -8.85 19.44 12.01
C PHE B 207 -9.13 20.67 11.19
N LEU B 208 -10.35 20.76 10.66
CA LEU B 208 -10.93 21.98 10.14
C LEU B 208 -11.84 22.56 11.20
N CYS B 209 -12.18 23.85 11.06
CA CYS B 209 -12.78 24.58 12.17
C CYS B 209 -13.94 25.41 11.65
N THR B 210 -15.14 25.20 12.21
CA THR B 210 -16.27 26.05 11.82
C THR B 210 -16.91 26.64 13.07
N GLY B 211 -17.95 27.47 12.85
CA GLY B 211 -18.74 27.95 13.96
C GLY B 211 -18.35 29.37 14.36
N GLY B 212 -19.05 29.89 15.35
CA GLY B 212 -18.77 31.22 15.86
C GLY B 212 -19.55 32.28 15.10
N VAL B 213 -19.23 33.54 15.37
CA VAL B 213 -19.99 34.59 14.73
C VAL B 213 -19.13 35.35 13.72
N SER B 214 -17.83 35.06 13.64
CA SER B 214 -16.93 35.78 12.76
C SER B 214 -16.40 34.83 11.68
N PRO B 215 -16.56 35.10 10.36
CA PRO B 215 -17.17 36.33 9.85
C PRO B 215 -18.69 36.41 9.88
N TYR B 216 -19.39 35.25 9.90
CA TYR B 216 -20.83 35.20 9.90
C TYR B 216 -21.32 34.32 11.03
N ALA B 217 -22.61 34.42 11.32
CA ALA B 217 -23.21 33.66 12.39
C ALA B 217 -23.52 32.24 11.91
N ASP B 218 -22.63 31.28 12.21
CA ASP B 218 -22.76 29.88 11.79
C ASP B 218 -23.68 29.12 12.73
N PRO B 219 -24.54 28.21 12.23
CA PRO B 219 -25.18 27.24 13.11
C PRO B 219 -24.10 26.28 13.63
N ASN B 220 -24.46 25.48 14.63
CA ASN B 220 -23.52 24.58 15.26
C ASN B 220 -24.01 23.16 15.09
N THR B 221 -23.12 22.18 15.28
CA THR B 221 -23.48 20.77 15.17
C THR B 221 -24.04 20.34 16.52
N CYS B 222 -24.89 19.31 16.50
CA CYS B 222 -25.34 18.61 17.70
C CYS B 222 -24.55 17.32 17.77
N ARG B 223 -24.51 16.72 18.96
CA ARG B 223 -23.82 15.46 19.16
C ARG B 223 -24.23 14.45 18.09
N GLY B 224 -25.53 14.40 17.76
CA GLY B 224 -26.09 13.42 16.84
C GLY B 224 -25.71 13.67 15.38
N ASP B 225 -25.00 14.77 15.12
CA ASP B 225 -24.52 15.09 13.79
C ASP B 225 -23.10 14.56 13.60
N SER B 226 -22.43 14.09 14.66
CA SER B 226 -21.09 13.53 14.61
C SER B 226 -20.99 12.46 13.52
N GLY B 227 -19.85 12.41 12.83
CA GLY B 227 -19.66 11.40 11.81
C GLY B 227 -20.23 11.83 10.46
N GLY B 228 -21.16 12.79 10.47
CA GLY B 228 -21.75 13.20 9.21
C GLY B 228 -20.77 13.99 8.36
N PRO B 229 -20.99 14.14 7.04
CA PRO B 229 -20.04 14.84 6.19
C PRO B 229 -20.15 16.36 6.32
N LEU B 230 -18.98 17.03 6.27
CA LEU B 230 -18.87 18.44 6.00
C LEU B 230 -18.54 18.62 4.52
N ILE B 231 -19.40 19.34 3.81
CA ILE B 231 -19.46 19.30 2.35
C ILE B 231 -19.18 20.69 1.77
N VAL B 232 -18.48 20.70 0.62
CA VAL B 232 -18.39 21.87 -0.24
C VAL B 232 -19.30 21.69 -1.45
N HIS B 233 -20.18 22.68 -1.66
CA HIS B 233 -21.08 22.72 -2.80
C HIS B 233 -20.45 23.57 -3.89
N LYS B 234 -19.96 22.92 -4.93
CA LYS B 234 -19.18 23.63 -5.92
C LYS B 234 -19.54 23.06 -7.28
N ARG B 235 -19.76 23.96 -8.25
CA ARG B 235 -20.11 23.60 -9.62
C ARG B 235 -21.36 22.71 -9.64
N SER B 236 -22.30 22.97 -8.74
CA SER B 236 -23.53 22.18 -8.66
C SER B 236 -23.31 20.73 -8.22
N ARG B 237 -22.17 20.43 -7.56
CA ARG B 237 -21.92 19.08 -7.07
C ARG B 237 -21.47 19.16 -5.60
N PHE B 238 -21.45 18.02 -4.91
CA PHE B 238 -21.17 18.01 -3.48
C PHE B 238 -19.93 17.15 -3.23
N ILE B 239 -18.87 17.79 -2.69
CA ILE B 239 -17.64 17.08 -2.38
C ILE B 239 -17.52 16.99 -0.85
N GLN B 240 -17.12 15.84 -0.30
CA GLN B 240 -16.95 15.80 1.14
C GLN B 240 -15.54 16.24 1.51
N VAL B 241 -15.39 17.23 2.40
CA VAL B 241 -14.05 17.70 2.72
C VAL B 241 -13.68 17.27 4.13
N GLY B 242 -14.68 17.04 4.99
CA GLY B 242 -14.43 16.66 6.38
C GLY B 242 -15.49 15.72 6.95
N VAL B 243 -15.20 15.23 8.17
CA VAL B 243 -16.11 14.43 8.98
C VAL B 243 -16.26 15.16 10.30
N ILE B 244 -17.51 15.45 10.65
CA ILE B 244 -17.84 16.16 11.88
C ILE B 244 -17.33 15.37 13.08
N SER B 245 -16.54 16.01 13.95
CA SER B 245 -15.94 15.28 15.06
C SER B 245 -16.52 15.75 16.40
N TRP B 246 -16.20 16.99 16.77
CA TRP B 246 -16.53 17.45 18.09
C TRP B 246 -16.77 18.96 18.08
N GLY B 247 -17.49 19.41 19.11
CA GLY B 247 -17.83 20.82 19.25
C GLY B 247 -17.41 21.35 20.63
N VAL B 248 -17.51 22.66 20.77
CA VAL B 248 -17.14 23.34 22.00
C VAL B 248 -18.34 23.43 22.92
N VAL B 249 -19.56 23.72 22.42
CA VAL B 249 -20.71 23.77 23.32
C VAL B 249 -21.82 22.89 22.76
N ASP B 250 -22.57 22.21 23.64
CA ASP B 250 -23.73 21.48 23.17
C ASP B 250 -24.93 22.43 23.13
N VAL B 251 -25.35 22.86 21.93
CA VAL B 251 -26.39 23.87 21.83
C VAL B 251 -27.76 23.22 21.70
N CYS B 252 -27.85 21.88 21.72
CA CYS B 252 -29.09 21.24 21.30
C CYS B 252 -29.92 20.86 22.53
N GLN B 260 -29.03 31.35 23.97
CA GLN B 260 -27.77 32.14 24.06
C GLN B 260 -26.58 31.29 23.61
N VAL B 261 -26.01 31.62 22.45
CA VAL B 261 -24.94 30.87 21.81
C VAL B 261 -23.67 31.72 21.88
N PRO B 262 -22.59 31.33 22.63
CA PRO B 262 -21.36 32.13 22.67
C PRO B 262 -20.72 32.36 21.29
N ALA B 263 -19.85 33.37 21.19
CA ALA B 263 -19.09 33.58 19.97
C ALA B 263 -18.05 32.47 19.80
N HIS B 264 -17.87 31.67 20.87
CA HIS B 264 -16.80 30.69 20.92
C HIS B 264 -17.33 29.26 20.72
N ALA B 265 -18.55 29.14 20.19
CA ALA B 265 -19.12 27.84 19.89
C ALA B 265 -18.59 27.36 18.55
N ARG B 266 -17.47 26.63 18.59
CA ARG B 266 -16.88 26.21 17.34
C ARG B 266 -17.14 24.73 17.14
N ASP B 267 -17.07 24.29 15.88
CA ASP B 267 -17.07 22.87 15.59
C ASP B 267 -15.77 22.49 14.88
N PHE B 268 -15.29 21.26 15.17
CA PHE B 268 -14.07 20.70 14.60
C PHE B 268 -14.40 19.45 13.81
N HIS B 269 -13.79 19.31 12.61
CA HIS B 269 -14.03 18.21 11.69
C HIS B 269 -12.71 17.64 11.21
N ILE B 270 -12.65 16.32 10.99
CA ILE B 270 -11.44 15.72 10.45
C ILE B 270 -11.37 16.06 8.98
N ASN B 271 -10.27 16.69 8.60
CA ASN B 271 -10.02 17.09 7.23
C ASN B 271 -9.63 15.85 6.43
N LEU B 272 -10.39 15.50 5.39
CA LEU B 272 -10.16 14.23 4.71
C LEU B 272 -8.89 14.30 3.89
N PHE B 273 -8.41 15.51 3.63
CA PHE B 273 -7.15 15.64 2.91
C PHE B 273 -5.97 15.19 3.76
N GLN B 274 -6.19 14.96 5.06
CA GLN B 274 -5.13 14.60 5.99
C GLN B 274 -5.19 13.12 6.37
N VAL B 275 -6.14 12.35 5.80
CA VAL B 275 -6.25 10.93 6.07
C VAL B 275 -6.32 10.12 4.76
N LEU B 276 -5.64 10.59 3.70
CA LEU B 276 -5.75 9.95 2.41
C LEU B 276 -5.03 8.59 2.37
N PRO B 277 -3.82 8.42 2.96
CA PRO B 277 -3.18 7.09 2.94
C PRO B 277 -4.20 6.03 3.37
N TRP B 278 -4.88 6.31 4.50
CA TRP B 278 -5.90 5.44 5.04
C TRP B 278 -7.10 5.24 4.11
N LEU B 279 -7.69 6.34 3.60
CA LEU B 279 -8.85 6.25 2.73
C LEU B 279 -8.53 5.42 1.49
N LYS B 280 -7.39 5.74 0.85
CA LYS B 280 -6.95 5.06 -0.35
C LYS B 280 -6.79 3.56 -0.10
N GLU B 281 -6.23 3.20 1.06
CA GLU B 281 -5.96 1.79 1.31
C GLU B 281 -7.27 1.03 1.48
N LYS B 282 -8.16 1.53 2.33
CA LYS B 282 -9.38 0.81 2.64
C LYS B 282 -10.35 0.83 1.43
N LEU B 283 -10.27 1.88 0.59
CA LEU B 283 -11.21 2.00 -0.50
C LEU B 283 -10.59 1.60 -1.84
N GLN B 284 -9.42 0.94 -1.81
CA GLN B 284 -8.70 0.55 -3.01
C GLN B 284 -9.57 -0.25 -4.00
N ASP B 285 -10.57 -1.02 -3.54
CA ASP B 285 -11.31 -1.77 -4.55
C ASP B 285 -12.65 -1.15 -4.90
N GLU B 286 -12.89 0.10 -4.53
CA GLU B 286 -14.20 0.67 -4.73
C GLU B 286 -14.29 1.45 -6.04
N ASP B 287 -13.27 1.38 -6.90
CA ASP B 287 -13.31 2.04 -8.19
C ASP B 287 -13.57 3.54 -8.04
N LEU B 288 -12.90 4.19 -7.10
CA LEU B 288 -13.15 5.61 -6.90
C LEU B 288 -12.12 6.43 -7.65
N GLY B 289 -11.08 5.77 -8.17
CA GLY B 289 -10.03 6.41 -8.93
C GLY B 289 -9.25 7.42 -8.11
N PHE B 290 -8.66 6.96 -6.99
CA PHE B 290 -7.80 7.83 -6.20
C PHE B 290 -6.66 8.31 -7.10
N LEU B 291 -6.34 9.60 -6.97
CA LEU B 291 -5.28 10.18 -7.77
C LEU B 291 -3.90 9.77 -7.21
N SER C 3 0.33 -9.83 -20.80
CA SER C 3 1.06 -10.79 -19.89
C SER C 3 2.53 -10.94 -20.30
N LEU C 4 2.78 -11.30 -21.56
CA LEU C 4 4.16 -11.47 -22.01
C LEU C 4 4.74 -10.15 -22.54
N CYS C 5 5.63 -9.53 -21.75
CA CYS C 5 6.08 -8.18 -22.01
C CYS C 5 7.47 -8.15 -22.69
N GLY C 6 7.79 -7.02 -23.30
CA GLY C 6 9.15 -6.73 -23.72
C GLY C 6 9.56 -7.56 -24.94
N MET C 7 8.58 -7.97 -25.76
CA MET C 7 8.85 -8.86 -26.86
C MET C 7 8.43 -8.24 -28.18
N VAL C 8 9.31 -8.38 -29.19
CA VAL C 8 9.09 -7.96 -30.57
C VAL C 8 8.92 -9.24 -31.40
N TRP C 9 8.01 -9.26 -32.40
CA TRP C 9 7.86 -10.47 -33.22
C TRP C 9 8.36 -10.26 -34.65
N GLU C 10 8.87 -11.34 -35.25
CA GLU C 10 9.51 -11.28 -36.56
C GLU C 10 8.52 -11.75 -37.63
N GLY C 14 8.17 -4.58 -42.17
CA GLY C 14 7.10 -3.61 -41.86
C GLY C 14 7.61 -2.51 -40.93
N THR C 15 6.71 -1.54 -40.64
CA THR C 15 6.97 -0.23 -40.02
C THR C 15 7.78 -0.33 -38.73
N ASP C 16 8.30 0.81 -38.26
CA ASP C 16 9.24 0.89 -37.15
C ASP C 16 8.52 0.76 -35.78
N TYR C 17 7.19 0.85 -35.78
CA TYR C 17 6.42 0.56 -34.57
C TYR C 17 6.14 -0.94 -34.45
N HIS C 18 6.68 -1.74 -35.39
CA HIS C 18 6.80 -3.18 -35.21
C HIS C 18 8.01 -3.47 -34.32
N LYS C 19 9.03 -2.63 -34.46
CA LYS C 19 10.36 -2.85 -33.90
C LYS C 19 10.42 -2.29 -32.47
N GLN C 20 9.63 -1.25 -32.19
CA GLN C 20 9.51 -0.68 -30.85
C GLN C 20 8.04 -0.57 -30.46
N PRO C 21 7.31 -1.71 -30.30
CA PRO C 21 5.85 -1.69 -30.13
C PRO C 21 5.29 -1.09 -28.83
N TRP C 22 6.16 -0.77 -27.84
CA TRP C 22 5.77 -0.18 -26.58
C TRP C 22 5.75 1.34 -26.71
N GLN C 23 6.29 1.88 -27.80
CA GLN C 23 6.54 3.32 -27.88
C GLN C 23 5.23 4.09 -28.03
N ALA C 24 5.12 5.18 -27.26
CA ALA C 24 3.94 6.03 -27.27
C ALA C 24 4.42 7.44 -27.60
N LYS C 25 3.64 8.17 -28.39
CA LYS C 25 4.04 9.52 -28.76
C LYS C 25 3.05 10.48 -28.09
N ILE C 26 3.55 11.53 -27.45
CA ILE C 26 2.70 12.44 -26.69
C ILE C 26 2.89 13.87 -27.20
N SER C 27 1.75 14.55 -27.43
CA SER C 27 1.68 15.97 -27.80
C SER C 27 0.78 16.70 -26.81
N VAL C 28 1.28 17.82 -26.27
CA VAL C 28 0.45 18.75 -25.50
C VAL C 28 0.37 20.06 -26.28
N ILE C 29 -0.87 20.50 -26.58
CA ILE C 29 -1.11 21.60 -27.52
C ILE C 29 -1.25 22.95 -26.78
N HIS C 35 3.43 23.59 -29.38
CA HIS C 35 3.33 22.12 -29.15
C HIS C 35 4.54 21.64 -28.35
N GLU C 36 4.29 20.99 -27.21
CA GLU C 36 5.32 20.25 -26.47
C GLU C 36 5.22 18.77 -26.82
N SER C 37 6.37 18.12 -27.00
CA SER C 37 6.41 16.72 -27.38
C SER C 37 7.02 15.87 -26.27
N CYS C 38 6.48 14.67 -26.11
CA CYS C 38 7.11 13.72 -25.21
C CYS C 38 6.92 12.33 -25.77
N MET C 39 7.59 11.35 -25.14
CA MET C 39 7.36 9.96 -25.44
C MET C 39 6.89 9.26 -24.17
N GLY C 40 6.50 8.00 -24.36
CA GLY C 40 6.04 7.17 -23.27
C GLY C 40 6.13 5.69 -23.67
N ALA C 41 5.86 4.82 -22.69
CA ALA C 41 5.88 3.39 -22.97
C ALA C 41 4.58 2.82 -22.47
N VAL C 42 4.01 1.93 -23.27
CA VAL C 42 2.88 1.12 -22.83
C VAL C 42 3.36 0.13 -21.77
N VAL C 43 2.67 0.08 -20.60
CA VAL C 43 3.10 -0.86 -19.56
C VAL C 43 1.97 -1.82 -19.16
N SER C 44 0.74 -1.49 -19.56
CA SER C 44 -0.39 -2.39 -19.42
C SER C 44 -1.47 -1.99 -20.43
N GLU C 45 -2.61 -2.67 -20.41
CA GLU C 45 -3.62 -2.41 -21.41
C GLU C 45 -4.26 -1.04 -21.23
N TYR C 46 -4.06 -0.44 -20.04
CA TYR C 46 -4.72 0.84 -19.78
C TYR C 46 -3.74 1.98 -19.50
N PHE C 47 -2.42 1.69 -19.48
CA PHE C 47 -1.50 2.68 -18.95
C PHE C 47 -0.28 2.93 -19.83
N VAL C 48 0.07 4.22 -19.98
CA VAL C 48 1.32 4.64 -20.58
C VAL C 48 2.18 5.33 -19.53
N LEU C 49 3.45 4.94 -19.43
CA LEU C 49 4.38 5.53 -18.45
C LEU C 49 5.16 6.66 -19.14
N THR C 50 5.33 7.79 -18.45
CA THR C 50 5.95 8.96 -19.05
C THR C 50 6.59 9.84 -17.96
N ALA C 51 7.01 11.06 -18.34
CA ALA C 51 7.59 12.00 -17.37
C ALA C 51 6.55 13.03 -16.94
N ALA C 52 6.57 13.36 -15.65
CA ALA C 52 5.63 14.33 -15.11
C ALA C 52 5.73 15.69 -15.82
N HIS C 53 6.96 16.10 -16.16
CA HIS C 53 7.22 17.46 -16.62
C HIS C 53 6.69 17.69 -18.03
N CYS C 54 6.05 16.68 -18.64
CA CYS C 54 5.49 16.85 -19.97
C CYS C 54 4.15 17.58 -19.94
N PHE C 55 3.66 17.92 -18.73
CA PHE C 55 2.28 18.37 -18.63
C PHE C 55 2.15 19.86 -18.22
N SER C 63 -6.46 18.54 -26.01
CA SER C 63 -5.32 19.25 -25.35
C SER C 63 -4.06 18.37 -25.34
N ILE C 64 -4.21 17.17 -24.76
CA ILE C 64 -3.17 16.15 -24.72
C ILE C 64 -3.48 15.09 -25.80
N LYS C 65 -2.53 14.83 -26.70
CA LYS C 65 -2.67 13.80 -27.71
C LYS C 65 -1.68 12.65 -27.42
N VAL C 66 -2.19 11.42 -27.31
CA VAL C 66 -1.37 10.25 -27.07
C VAL C 66 -1.64 9.28 -28.20
N SER C 67 -0.58 8.74 -28.82
CA SER C 67 -0.88 7.68 -29.74
C SER C 67 0.15 6.57 -29.69
N VAL C 68 -0.34 5.35 -29.98
CA VAL C 68 0.49 4.17 -29.95
C VAL C 68 0.48 3.54 -31.35
N GLY C 69 1.42 2.62 -31.60
CA GLY C 69 1.46 1.80 -32.79
C GLY C 69 1.60 2.61 -34.09
N GLY C 70 2.01 3.88 -33.96
CA GLY C 70 2.18 4.76 -35.10
C GLY C 70 0.85 5.24 -35.69
N GLU C 71 -0.28 5.05 -35.00
CA GLU C 71 -1.60 5.40 -35.51
C GLU C 71 -1.78 6.92 -35.60
N LYS C 72 -2.65 7.36 -36.51
CA LYS C 72 -3.05 8.76 -36.60
C LYS C 72 -4.03 9.09 -35.47
N ARG C 73 -4.71 8.06 -34.95
CA ARG C 73 -5.67 8.15 -33.85
C ARG C 73 -5.02 8.70 -32.58
N ASP C 74 -5.74 9.58 -31.86
CA ASP C 74 -5.42 10.03 -30.51
C ASP C 74 -6.25 9.29 -29.47
N LEU C 75 -5.60 8.61 -28.52
CA LEU C 75 -6.34 7.85 -27.52
C LEU C 75 -7.03 8.74 -26.51
N GLU C 76 -8.19 8.30 -26.04
CA GLU C 76 -9.02 9.00 -25.07
C GLU C 76 -8.40 8.79 -23.68
N ILE C 77 -8.07 9.90 -23.01
CA ILE C 77 -7.41 9.86 -21.70
C ILE C 77 -8.43 9.92 -20.56
N GLU C 78 -8.25 9.07 -19.55
CA GLU C 78 -9.13 9.06 -18.40
C GLU C 78 -8.57 10.01 -17.35
N VAL C 79 -7.32 9.78 -16.93
CA VAL C 79 -6.69 10.61 -15.93
C VAL C 79 -5.18 10.57 -16.21
N VAL C 80 -4.42 11.56 -15.72
CA VAL C 80 -2.98 11.45 -15.69
C VAL C 80 -2.57 11.54 -14.22
N LEU C 81 -1.90 10.49 -13.72
CA LEU C 81 -1.46 10.43 -12.33
C LEU C 81 -0.01 10.88 -12.24
N PHE C 82 0.27 11.80 -11.30
CA PHE C 82 1.62 12.31 -11.07
C PHE C 82 2.19 11.72 -9.78
N HIS C 83 3.51 11.51 -9.76
CA HIS C 83 4.15 11.04 -8.55
C HIS C 83 3.95 12.08 -7.45
N PRO C 84 3.43 11.67 -6.28
CA PRO C 84 3.12 12.62 -5.22
C PRO C 84 4.32 13.46 -4.78
N ASN C 85 5.56 13.02 -5.01
CA ASN C 85 6.68 13.81 -4.55
C ASN C 85 7.25 14.68 -5.66
N TYR C 86 6.61 14.70 -6.83
CA TYR C 86 7.10 15.56 -7.91
C TYR C 86 6.70 17.01 -7.65
N ASN C 87 7.65 17.92 -7.78
CA ASN C 87 7.31 19.34 -7.69
C ASN C 87 8.40 20.12 -8.44
N ILE C 88 8.11 20.47 -9.71
CA ILE C 88 9.09 21.11 -10.56
C ILE C 88 9.67 22.35 -9.86
N ASN C 89 8.85 23.04 -9.04
CA ASN C 89 9.22 24.28 -8.36
C ASN C 89 9.67 24.02 -6.92
N GLY C 90 9.79 22.74 -6.56
CA GLY C 90 10.17 22.30 -5.24
C GLY C 90 11.33 23.08 -4.62
N LYS C 91 12.31 23.51 -5.41
CA LYS C 91 13.49 24.13 -4.83
C LYS C 91 13.77 25.51 -5.43
N LYS C 92 12.73 26.30 -5.72
CA LYS C 92 12.94 27.66 -6.19
C LYS C 92 13.61 28.49 -5.10
N GLU C 93 13.06 28.42 -3.89
CA GLU C 93 13.63 29.09 -2.72
C GLU C 93 15.13 28.86 -2.65
N ALA C 94 15.60 27.65 -2.97
CA ALA C 94 17.01 27.34 -2.89
C ALA C 94 17.73 27.80 -4.16
N GLY C 95 17.04 28.57 -5.01
CA GLY C 95 17.63 29.11 -6.23
C GLY C 95 17.84 28.06 -7.32
N ILE C 96 17.04 26.98 -7.30
CA ILE C 96 17.09 25.97 -8.35
C ILE C 96 15.85 26.11 -9.20
N PRO C 97 15.94 26.62 -10.44
CA PRO C 97 14.75 26.94 -11.23
C PRO C 97 13.79 25.78 -11.46
N GLU C 98 14.32 24.59 -11.81
CA GLU C 98 13.51 23.40 -12.04
C GLU C 98 14.19 22.20 -11.37
N PHE C 99 13.38 21.39 -10.69
CA PHE C 99 13.86 20.25 -9.92
C PHE C 99 13.13 19.01 -10.43
N TYR C 100 13.87 17.99 -10.90
CA TYR C 100 13.25 16.86 -11.59
C TYR C 100 13.09 15.60 -10.74
N ASP C 101 13.18 15.70 -9.42
CA ASP C 101 12.98 14.54 -8.58
C ASP C 101 11.60 13.94 -8.81
N TYR C 102 11.52 12.61 -8.91
CA TYR C 102 10.27 11.88 -9.08
C TYR C 102 9.53 12.31 -10.35
N ASP C 103 10.27 12.49 -11.46
CA ASP C 103 9.67 13.03 -12.67
C ASP C 103 8.99 11.92 -13.45
N VAL C 104 7.94 11.31 -12.90
CA VAL C 104 7.25 10.23 -13.57
C VAL C 104 5.74 10.44 -13.46
N ALA C 105 5.04 10.01 -14.50
CA ALA C 105 3.59 10.11 -14.55
C ALA C 105 2.99 8.94 -15.34
N LEU C 106 1.80 8.50 -14.92
CA LEU C 106 1.06 7.43 -15.59
C LEU C 106 -0.20 8.02 -16.23
N ILE C 107 -0.36 7.77 -17.55
CA ILE C 107 -1.53 8.19 -18.29
C ILE C 107 -2.48 7.00 -18.33
N LYS C 108 -3.68 7.17 -17.76
CA LYS C 108 -4.67 6.09 -17.79
C LYS C 108 -5.58 6.32 -18.98
N LEU C 109 -5.76 5.29 -19.80
CA LEU C 109 -6.62 5.37 -20.97
C LEU C 109 -8.06 4.97 -20.59
N LYS C 110 -9.06 5.58 -21.29
CA LYS C 110 -10.44 5.13 -21.15
C LYS C 110 -10.65 3.72 -21.70
N ASN C 111 -9.95 3.34 -22.77
CA ASN C 111 -10.24 2.09 -23.43
C ASN C 111 -9.02 1.16 -23.40
N LYS C 112 -9.30 -0.14 -23.18
CA LYS C 112 -8.36 -1.25 -23.26
C LYS C 112 -7.65 -1.18 -24.60
N LEU C 113 -6.31 -1.11 -24.57
CA LEU C 113 -5.53 -1.27 -25.78
C LEU C 113 -5.65 -2.73 -26.23
N LYS C 114 -5.63 -2.93 -27.55
CA LYS C 114 -5.62 -4.26 -28.13
C LYS C 114 -4.18 -4.58 -28.52
N TYR C 115 -3.59 -5.57 -27.83
CA TYR C 115 -2.21 -5.91 -28.15
C TYR C 115 -2.17 -6.53 -29.54
N GLY C 116 -1.11 -6.21 -30.30
CA GLY C 116 -0.98 -6.60 -31.68
C GLY C 116 0.49 -6.77 -32.00
N GLN C 117 0.88 -6.62 -33.27
CA GLN C 117 2.30 -6.67 -33.52
C GLN C 117 2.87 -5.26 -33.50
N THR C 118 1.99 -4.24 -33.43
CA THR C 118 2.42 -2.86 -33.38
C THR C 118 2.22 -2.22 -31.99
N ILE C 119 1.47 -2.89 -31.10
CA ILE C 119 1.17 -2.39 -29.77
C ILE C 119 1.42 -3.52 -28.76
N ARG C 120 2.52 -3.43 -28.00
CA ARG C 120 2.87 -4.45 -27.01
C ARG C 120 3.41 -3.74 -25.77
N PRO C 121 3.28 -4.31 -24.56
CA PRO C 121 3.81 -3.64 -23.36
C PRO C 121 5.29 -3.96 -23.13
N ILE C 122 6.03 -2.99 -22.58
CA ILE C 122 7.39 -3.27 -22.17
C ILE C 122 7.36 -3.84 -20.75
N CYS C 123 8.41 -4.58 -20.38
CA CYS C 123 8.52 -5.09 -19.02
C CYS C 123 8.93 -3.96 -18.05
N LEU C 124 8.39 -4.01 -16.84
CA LEU C 124 8.78 -3.13 -15.75
C LEU C 124 9.62 -3.91 -14.72
N PRO C 125 10.45 -3.23 -13.91
CA PRO C 125 11.25 -3.94 -12.91
C PRO C 125 10.42 -4.52 -11.77
N CYS C 126 10.90 -5.62 -11.17
CA CYS C 126 10.30 -6.28 -10.01
C CYS C 126 8.90 -6.78 -10.33
N THR C 127 8.78 -7.47 -11.48
CA THR C 127 7.54 -8.06 -11.92
C THR C 127 7.78 -9.47 -12.41
N GLU C 128 6.71 -10.23 -12.51
CA GLU C 128 6.80 -11.58 -13.02
C GLU C 128 7.18 -11.53 -14.51
N GLY C 129 6.59 -10.57 -15.23
CA GLY C 129 6.92 -10.28 -16.61
C GLY C 129 8.42 -10.23 -16.85
N THR C 130 9.13 -9.52 -15.96
CA THR C 130 10.57 -9.42 -16.12
C THR C 130 11.22 -10.74 -15.76
N THR C 131 10.72 -11.41 -14.72
CA THR C 131 11.28 -12.72 -14.41
C THR C 131 11.18 -13.63 -15.63
N ARG C 132 10.00 -13.64 -16.29
CA ARG C 132 9.80 -14.52 -17.43
C ARG C 132 10.76 -14.13 -18.55
N ALA C 133 10.77 -12.83 -18.88
CA ALA C 133 11.49 -12.38 -20.06
C ALA C 133 12.97 -12.74 -19.95
N LEU C 134 13.51 -12.71 -18.72
CA LEU C 134 14.92 -12.93 -18.47
C LEU C 134 15.21 -14.41 -18.21
N ARG C 135 14.18 -15.26 -18.41
CA ARG C 135 14.26 -16.70 -18.18
C ARG C 135 14.86 -16.99 -16.79
N LEU C 136 14.38 -16.27 -15.77
CA LEU C 136 14.88 -16.45 -14.42
C LEU C 136 13.96 -17.37 -13.61
N PRO C 137 14.46 -18.01 -12.53
CA PRO C 137 13.64 -18.88 -11.69
C PRO C 137 12.53 -18.16 -10.91
N PRO C 138 11.49 -18.92 -10.49
CA PRO C 138 10.31 -18.31 -9.86
C PRO C 138 10.57 -17.68 -8.49
N THR C 139 11.74 -17.96 -7.92
CA THR C 139 12.11 -17.41 -6.62
C THR C 139 12.94 -16.14 -6.82
N THR C 140 12.99 -15.61 -8.04
CA THR C 140 13.79 -14.43 -8.31
C THR C 140 13.12 -13.27 -7.59
N THR C 141 13.91 -12.54 -6.80
CA THR C 141 13.38 -11.42 -6.01
C THR C 141 13.57 -10.10 -6.75
N CYS C 142 12.93 -9.07 -6.21
CA CYS C 142 13.13 -7.72 -6.70
C CYS C 142 14.61 -7.31 -6.62
N GLN C 143 15.29 -7.64 -5.51
CA GLN C 143 16.71 -7.33 -5.38
C GLN C 143 17.52 -8.05 -6.44
N GLN C 144 17.22 -9.33 -6.67
CA GLN C 144 17.99 -10.06 -7.67
C GLN C 144 17.84 -9.40 -9.05
N GLN C 145 16.65 -8.86 -9.36
CA GLN C 145 16.41 -8.25 -10.66
C GLN C 145 17.23 -6.98 -10.80
N LYS C 146 17.27 -6.15 -9.76
CA LYS C 146 18.06 -4.93 -9.73
C LYS C 146 19.53 -5.26 -9.99
N GLU C 147 20.01 -6.37 -9.43
CA GLU C 147 21.40 -6.78 -9.54
C GLU C 147 21.72 -7.26 -10.94
N GLU C 148 20.74 -7.85 -11.60
CA GLU C 148 20.90 -8.40 -12.94
C GLU C 148 20.80 -7.26 -13.95
N LEU C 149 19.92 -6.28 -13.71
CA LEU C 149 19.60 -5.25 -14.68
C LEU C 149 20.50 -4.04 -14.47
N LEU C 150 20.76 -3.71 -13.21
CA LEU C 150 21.46 -2.49 -12.85
C LEU C 150 22.67 -2.79 -11.97
N PRO C 151 23.69 -3.59 -12.40
CA PRO C 151 24.86 -3.87 -11.54
C PRO C 151 25.68 -2.59 -11.32
N ALA C 152 26.63 -2.62 -10.36
CA ALA C 152 27.46 -1.44 -10.14
C ALA C 152 28.61 -1.39 -11.15
N GLN C 153 28.30 -0.98 -12.38
CA GLN C 153 29.30 -0.85 -13.42
C GLN C 153 28.70 -0.02 -14.56
N ASP C 154 29.32 -0.07 -15.74
CA ASP C 154 28.76 0.59 -16.91
C ASP C 154 27.78 -0.37 -17.57
N ILE C 155 26.52 0.05 -17.69
CA ILE C 155 25.48 -0.85 -18.19
C ILE C 155 25.11 -0.45 -19.61
N LYS C 156 25.22 -1.40 -20.54
CA LYS C 156 24.66 -1.19 -21.87
C LYS C 156 23.13 -1.09 -21.81
N ALA C 157 22.59 -0.01 -22.40
CA ALA C 157 21.18 0.28 -22.46
C ALA C 157 20.86 0.96 -23.79
N LEU C 158 19.58 1.28 -24.02
CA LEU C 158 19.20 2.07 -25.18
C LEU C 158 18.00 2.93 -24.84
N PHE C 159 17.77 3.95 -25.67
CA PHE C 159 16.51 4.67 -25.67
C PHE C 159 16.09 4.81 -27.12
N VAL C 160 14.86 5.28 -27.35
CA VAL C 160 14.31 5.36 -28.70
C VAL C 160 14.08 6.81 -29.01
N SER C 161 14.57 7.23 -30.17
CA SER C 161 14.58 8.65 -30.54
C SER C 161 13.68 8.88 -31.76
N GLU C 162 13.14 10.09 -31.85
CA GLU C 162 12.29 10.39 -32.99
C GLU C 162 12.90 11.55 -33.76
N GLU C 163 13.35 11.26 -34.99
CA GLU C 163 13.74 12.32 -35.93
C GLU C 163 13.22 11.96 -37.32
N GLU C 164 12.83 13.01 -38.05
CA GLU C 164 12.22 12.87 -39.37
C GLU C 164 11.09 11.84 -39.28
N LYS C 165 10.34 11.94 -38.18
CA LYS C 165 9.08 11.24 -37.93
C LYS C 165 9.29 9.72 -37.75
N LYS C 166 10.53 9.27 -37.55
CA LYS C 166 10.82 7.85 -37.50
C LYS C 166 11.66 7.47 -36.28
N LEU C 167 11.37 6.26 -35.77
CA LEU C 167 11.93 5.85 -34.50
C LEU C 167 13.24 5.10 -34.75
N THR C 168 14.31 5.47 -34.02
CA THR C 168 15.60 4.82 -34.12
C THR C 168 16.12 4.51 -32.70
N ARG C 169 16.60 3.28 -32.48
CA ARG C 169 17.21 2.88 -31.19
C ARG C 169 18.62 3.47 -31.06
N LYS C 170 19.01 3.88 -29.85
CA LYS C 170 20.30 4.51 -29.64
C LYS C 170 20.97 3.90 -28.40
N GLU C 171 22.16 3.35 -28.55
CA GLU C 171 22.85 2.60 -27.52
C GLU C 171 23.56 3.59 -26.61
N VAL C 172 23.34 3.45 -25.30
CA VAL C 172 23.95 4.32 -24.30
C VAL C 172 24.47 3.44 -23.19
N TYR C 173 25.26 4.03 -22.29
CA TYR C 173 25.76 3.32 -21.12
C TYR C 173 25.36 4.09 -19.85
N ILE C 174 24.69 3.39 -18.91
CA ILE C 174 24.39 3.95 -17.60
C ILE C 174 25.68 3.88 -16.79
N LYS C 175 26.09 5.03 -16.22
CA LYS C 175 27.27 5.04 -15.37
C LYS C 175 26.87 4.73 -13.93
N ASN C 176 27.00 3.45 -13.56
CA ASN C 176 26.50 2.98 -12.28
C ASN C 176 27.56 2.31 -11.41
N GLY C 177 28.83 2.45 -11.81
CA GLY C 177 29.96 1.98 -11.02
C GLY C 177 30.92 3.14 -10.77
N ASP C 178 32.19 2.91 -11.06
CA ASP C 178 33.24 3.88 -10.80
C ASP C 178 33.03 5.20 -11.56
N LYS C 179 32.19 5.25 -12.60
CA LYS C 179 32.02 6.47 -13.39
C LYS C 179 30.80 7.29 -12.97
N LYS C 180 30.00 6.76 -12.03
CA LYS C 180 28.75 7.38 -11.62
C LYS C 180 28.96 8.83 -11.18
N GLY C 181 29.91 9.07 -10.28
CA GLY C 181 30.07 10.40 -9.69
C GLY C 181 30.43 11.41 -10.76
N SER C 182 31.34 10.98 -11.63
CA SER C 182 31.83 11.80 -12.72
C SER C 182 30.67 12.17 -13.63
N CYS C 183 29.77 11.22 -13.90
CA CYS C 183 28.57 11.46 -14.69
C CYS C 183 27.64 12.46 -14.00
N GLU C 184 27.40 12.27 -12.70
CA GLU C 184 26.45 13.13 -11.98
C GLU C 184 27.00 14.55 -11.83
N ARG C 185 28.32 14.70 -11.62
CA ARG C 185 28.91 16.00 -11.37
C ARG C 185 28.66 16.93 -12.55
N ASP C 186 28.57 16.36 -13.76
CA ASP C 186 28.42 17.12 -14.99
C ASP C 186 27.07 17.84 -15.04
N ALA C 187 26.24 17.63 -14.01
CA ALA C 187 24.96 18.32 -13.98
C ALA C 187 25.21 19.81 -13.82
N GLN C 188 26.44 20.18 -13.45
CA GLN C 188 26.77 21.58 -13.19
C GLN C 188 26.61 22.43 -14.45
N TYR C 189 26.73 21.80 -15.62
CA TYR C 189 26.68 22.55 -16.87
C TYR C 189 25.26 22.63 -17.42
N ALA C 190 24.26 22.05 -16.73
CA ALA C 190 22.93 22.06 -17.30
C ALA C 190 22.29 23.44 -17.14
N PRO C 191 21.24 23.78 -17.95
CA PRO C 191 20.60 25.11 -17.87
C PRO C 191 19.98 25.33 -16.50
N GLY C 192 20.51 26.31 -15.77
CA GLY C 192 19.92 26.69 -14.50
C GLY C 192 20.70 26.17 -13.29
N TYR C 193 21.72 25.32 -13.48
CA TYR C 193 22.34 24.58 -12.38
C TYR C 193 23.79 25.02 -12.17
N ASP C 194 24.19 26.05 -12.90
CA ASP C 194 25.58 26.46 -12.94
C ASP C 194 25.98 27.12 -11.62
N LYS C 195 25.01 27.54 -10.80
CA LYS C 195 25.37 28.14 -9.53
C LYS C 195 24.96 27.23 -8.37
N VAL C 196 24.87 25.93 -8.60
CA VAL C 196 24.44 25.01 -7.55
C VAL C 196 25.68 24.54 -6.78
N LYS C 197 25.65 24.69 -5.45
CA LYS C 197 26.80 24.41 -4.61
C LYS C 197 26.98 22.91 -4.47
N ASP C 198 25.90 22.20 -4.13
CA ASP C 198 25.95 20.75 -3.99
C ASP C 198 25.11 20.08 -5.08
N ILE C 199 25.76 19.33 -5.96
CA ILE C 199 25.10 18.82 -7.15
C ILE C 199 24.02 17.83 -6.75
N SER C 200 24.15 17.28 -5.54
CA SER C 200 23.18 16.31 -5.05
C SER C 200 21.86 16.96 -4.65
N GLU C 201 21.80 18.30 -4.68
CA GLU C 201 20.53 19.00 -4.60
C GLU C 201 19.70 18.80 -5.88
N VAL C 202 20.37 18.55 -7.01
CA VAL C 202 19.63 18.42 -8.26
C VAL C 202 19.71 16.99 -8.78
N VAL C 203 20.79 16.26 -8.45
CA VAL C 203 20.88 14.86 -8.81
C VAL C 203 20.62 14.03 -7.56
N THR C 204 19.40 13.49 -7.48
CA THR C 204 18.95 12.80 -6.28
C THR C 204 19.20 11.31 -6.46
N PRO C 205 19.00 10.46 -5.41
CA PRO C 205 19.13 9.02 -5.56
C PRO C 205 18.10 8.41 -6.49
N ARG C 206 17.20 9.21 -7.06
CA ARG C 206 16.24 8.69 -8.05
C ARG C 206 16.82 8.55 -9.47
N PHE C 207 18.05 9.01 -9.71
CA PHE C 207 18.45 9.25 -11.09
C PHE C 207 19.54 8.29 -11.54
N LEU C 208 19.37 7.78 -12.76
CA LEU C 208 20.42 7.13 -13.51
C LEU C 208 21.02 8.16 -14.47
N CYS C 209 22.23 7.86 -14.94
CA CYS C 209 23.00 8.85 -15.66
C CYS C 209 23.62 8.21 -16.90
N THR C 210 23.37 8.79 -18.08
CA THR C 210 23.99 8.31 -19.31
C THR C 210 24.66 9.47 -20.03
N GLY C 211 25.32 9.19 -21.15
CA GLY C 211 25.89 10.24 -21.98
C GLY C 211 27.38 10.39 -21.74
N GLY C 212 28.02 11.31 -22.45
CA GLY C 212 29.45 11.53 -22.31
C GLY C 212 30.27 10.57 -23.16
N VAL C 213 31.58 10.53 -22.92
CA VAL C 213 32.44 9.88 -23.91
C VAL C 213 33.12 8.63 -23.35
N SER C 214 32.99 8.40 -22.06
CA SER C 214 33.69 7.30 -21.43
C SER C 214 32.63 6.45 -20.72
N PRO C 215 32.52 5.12 -20.98
CA PRO C 215 33.44 4.36 -21.84
C PRO C 215 33.31 4.50 -23.36
N TYR C 216 32.13 4.93 -23.87
CA TYR C 216 31.96 5.12 -25.30
C TYR C 216 31.33 6.48 -25.57
N ALA C 217 31.35 6.91 -26.82
CA ALA C 217 30.57 8.07 -27.25
C ALA C 217 29.08 7.72 -27.30
N ASP C 218 28.34 8.11 -26.27
CA ASP C 218 26.89 7.90 -26.22
C ASP C 218 26.17 8.97 -27.05
N PRO C 219 25.14 8.64 -27.85
CA PRO C 219 24.24 9.68 -28.35
C PRO C 219 23.48 10.28 -27.17
N ASN C 220 22.85 11.44 -27.36
CA ASN C 220 22.18 12.15 -26.29
C ASN C 220 20.71 12.29 -26.63
N THR C 221 19.88 12.56 -25.61
CA THR C 221 18.43 12.66 -25.81
C THR C 221 18.11 14.07 -26.27
N CYS C 222 16.97 14.23 -26.96
CA CYS C 222 16.41 15.53 -27.29
C CYS C 222 15.27 15.78 -26.34
N ARG C 223 14.85 17.05 -26.22
CA ARG C 223 13.74 17.40 -25.34
C ARG C 223 12.52 16.52 -25.64
N GLY C 224 12.25 16.29 -26.92
CA GLY C 224 11.11 15.53 -27.42
C GLY C 224 11.17 14.04 -27.10
N ASP C 225 12.31 13.58 -26.54
CA ASP C 225 12.47 12.20 -26.15
C ASP C 225 12.10 12.00 -24.68
N SER C 226 11.87 13.08 -23.93
CA SER C 226 11.48 13.06 -22.55
C SER C 226 10.29 12.12 -22.32
N GLY C 227 10.30 11.42 -21.18
CA GLY C 227 9.16 10.56 -20.87
C GLY C 227 9.28 9.18 -21.53
N GLY C 228 10.10 9.10 -22.58
CA GLY C 228 10.28 7.83 -23.23
C GLY C 228 11.11 6.88 -22.35
N PRO C 229 11.07 5.57 -22.61
CA PRO C 229 11.73 4.61 -21.72
C PRO C 229 13.23 4.55 -22.00
N LEU C 230 14.02 4.36 -20.93
CA LEU C 230 15.39 3.90 -20.97
C LEU C 230 15.35 2.41 -20.70
N ILE C 231 15.87 1.62 -21.66
CA ILE C 231 15.64 0.19 -21.75
C ILE C 231 16.96 -0.58 -21.59
N VAL C 232 16.89 -1.74 -20.94
CA VAL C 232 17.93 -2.75 -21.00
C VAL C 232 17.51 -3.86 -21.97
N HIS C 233 18.37 -4.13 -22.96
CA HIS C 233 18.13 -5.13 -23.98
C HIS C 233 18.87 -6.39 -23.56
N LYS C 234 18.14 -7.38 -23.10
CA LYS C 234 18.76 -8.49 -22.41
C LYS C 234 17.93 -9.73 -22.71
N ARG C 235 18.65 -10.82 -23.06
CA ARG C 235 18.05 -12.07 -23.49
C ARG C 235 17.04 -11.84 -24.61
N SER C 236 17.31 -10.89 -25.50
CA SER C 236 16.45 -10.60 -26.64
C SER C 236 15.09 -10.03 -26.23
N ARG C 237 15.02 -9.42 -25.04
CA ARG C 237 13.80 -8.82 -24.57
C ARG C 237 14.14 -7.39 -24.10
N PHE C 238 13.12 -6.58 -23.91
CA PHE C 238 13.32 -5.19 -23.55
C PHE C 238 12.68 -4.94 -22.19
N ILE C 239 13.50 -4.58 -21.19
CA ILE C 239 13.00 -4.23 -19.86
C ILE C 239 13.14 -2.72 -19.69
N GLN C 240 12.12 -2.04 -19.17
CA GLN C 240 12.29 -0.61 -18.94
C GLN C 240 12.92 -0.41 -17.57
N VAL C 241 14.02 0.36 -17.49
CA VAL C 241 14.68 0.54 -16.21
C VAL C 241 14.50 1.98 -15.74
N GLY C 242 14.28 2.91 -16.68
CA GLY C 242 14.16 4.32 -16.33
C GLY C 242 13.23 5.09 -17.28
N VAL C 243 12.97 6.34 -16.91
CA VAL C 243 12.19 7.28 -17.70
C VAL C 243 13.07 8.49 -17.97
N ILE C 244 13.25 8.82 -19.26
CA ILE C 244 14.09 9.93 -19.67
C ILE C 244 13.55 11.24 -19.08
N SER C 245 14.39 11.98 -18.33
CA SER C 245 13.93 13.14 -17.61
C SER C 245 14.53 14.42 -18.20
N TRP C 246 15.86 14.57 -18.05
CA TRP C 246 16.47 15.82 -18.43
C TRP C 246 17.91 15.60 -18.84
N GLY C 247 18.43 16.54 -19.61
CA GLY C 247 19.80 16.45 -20.11
C GLY C 247 20.55 17.74 -19.81
N VAL C 248 21.84 17.70 -20.06
CA VAL C 248 22.74 18.82 -19.81
C VAL C 248 22.79 19.74 -21.02
N VAL C 249 22.82 19.22 -22.25
CA VAL C 249 22.85 20.05 -23.44
C VAL C 249 21.68 19.67 -24.35
N ASP C 250 21.02 20.67 -24.95
CA ASP C 250 19.99 20.35 -25.94
C ASP C 250 20.66 20.21 -27.30
N VAL C 251 20.75 18.97 -27.82
CA VAL C 251 21.55 18.76 -29.02
C VAL C 251 20.70 18.87 -30.28
N CYS C 252 19.42 19.24 -30.17
CA CYS C 252 18.52 19.10 -31.30
C CYS C 252 17.41 20.13 -31.21
N VAL C 261 28.47 19.62 -27.99
CA VAL C 261 28.48 18.26 -27.37
C VAL C 261 29.86 17.95 -26.77
N PRO C 262 30.26 18.58 -25.63
CA PRO C 262 31.48 18.14 -24.93
C PRO C 262 31.36 16.73 -24.33
N ALA C 263 32.36 16.36 -23.53
CA ALA C 263 32.33 15.12 -22.79
C ALA C 263 31.31 15.18 -21.66
N HIS C 264 30.70 16.36 -21.47
CA HIS C 264 29.91 16.76 -20.31
C HIS C 264 28.40 16.63 -20.60
N ALA C 265 28.06 16.13 -21.79
CA ALA C 265 26.67 16.07 -22.20
C ALA C 265 26.05 14.80 -21.65
N ARG C 266 25.45 14.93 -20.45
CA ARG C 266 24.89 13.75 -19.83
C ARG C 266 23.36 13.80 -19.93
N ASP C 267 22.75 12.61 -19.85
CA ASP C 267 21.33 12.51 -19.69
C ASP C 267 21.00 11.86 -18.35
N PHE C 268 19.91 12.32 -17.70
CA PHE C 268 19.41 11.82 -16.41
C PHE C 268 18.01 11.22 -16.62
N HIS C 269 17.79 10.07 -15.98
CA HIS C 269 16.53 9.33 -16.10
C HIS C 269 16.07 8.90 -14.71
N ILE C 270 14.75 8.87 -14.48
CA ILE C 270 14.24 8.39 -13.21
C ILE C 270 14.36 6.88 -13.21
N ASN C 271 15.07 6.37 -12.20
CA ASN C 271 15.27 4.95 -12.03
C ASN C 271 13.98 4.33 -11.48
N LEU C 272 13.39 3.37 -12.19
CA LEU C 272 12.07 2.88 -11.80
C LEU C 272 12.18 2.02 -10.55
N PHE C 273 13.39 1.56 -10.24
CA PHE C 273 13.57 0.79 -9.02
C PHE C 273 13.41 1.66 -7.78
N GLN C 274 13.34 3.00 -7.96
CA GLN C 274 13.28 3.92 -6.84
C GLN C 274 11.88 4.52 -6.71
N VAL C 275 10.91 4.09 -7.57
CA VAL C 275 9.54 4.57 -7.50
C VAL C 275 8.55 3.40 -7.47
N LEU C 276 8.94 2.28 -6.85
CA LEU C 276 8.11 1.08 -6.91
C LEU C 276 6.85 1.24 -6.04
N PRO C 277 6.90 1.81 -4.80
CA PRO C 277 5.67 1.92 -4.00
C PRO C 277 4.58 2.55 -4.86
N TRP C 278 4.94 3.63 -5.56
CA TRP C 278 4.04 4.35 -6.44
C TRP C 278 3.56 3.51 -7.62
N LEU C 279 4.49 2.89 -8.36
CA LEU C 279 4.13 2.07 -9.52
C LEU C 279 3.19 0.94 -9.09
N LYS C 280 3.55 0.21 -8.03
CA LYS C 280 2.74 -0.88 -7.51
C LYS C 280 1.34 -0.40 -7.15
N GLU C 281 1.21 0.78 -6.56
CA GLU C 281 -0.09 1.24 -6.12
C GLU C 281 -0.98 1.55 -7.33
N LYS C 282 -0.46 2.35 -8.28
CA LYS C 282 -1.26 2.77 -9.40
C LYS C 282 -1.50 1.59 -10.35
N LEU C 283 -0.61 0.61 -10.40
CA LEU C 283 -0.77 -0.47 -11.37
C LEU C 283 -1.27 -1.76 -10.72
N GLN C 284 -1.76 -1.69 -9.48
CA GLN C 284 -2.15 -2.88 -8.73
C GLN C 284 -3.18 -3.73 -9.48
N ASP C 285 -4.01 -3.14 -10.36
CA ASP C 285 -5.01 -3.96 -11.01
C ASP C 285 -4.62 -4.36 -12.42
N GLU C 286 -3.37 -4.19 -12.84
CA GLU C 286 -3.02 -4.42 -14.22
C GLU C 286 -2.46 -5.84 -14.44
N ASP C 287 -2.57 -6.75 -13.46
CA ASP C 287 -2.02 -8.07 -13.58
C ASP C 287 -0.54 -8.07 -14.01
N LEU C 288 0.31 -7.25 -13.39
CA LEU C 288 1.68 -7.23 -13.83
C LEU C 288 2.55 -8.16 -13.01
N GLY C 289 1.98 -8.69 -11.93
CA GLY C 289 2.68 -9.60 -11.04
C GLY C 289 3.86 -8.92 -10.35
N PHE C 290 3.61 -7.78 -9.68
CA PHE C 290 4.68 -7.15 -8.92
C PHE C 290 5.17 -8.12 -7.87
N LEU C 291 6.49 -8.20 -7.74
CA LEU C 291 7.10 -9.05 -6.72
C LEU C 291 6.97 -8.38 -5.35
C2 MVZ D . 17.30 -23.78 11.83
C3 MVZ D . 18.19 -24.21 12.83
C12 MVZ D . 15.35 -25.02 12.53
C13 MVZ D . 15.96 -24.14 11.66
C15 MVZ D . 13.85 -25.39 12.34
C21 MVZ D . 20.00 -22.60 13.38
C23 MVZ D . 20.33 -20.68 14.50
C26 MVZ D . 21.26 -20.63 13.27
BR1 MVZ D . 18.07 -22.60 10.64
C4 MVZ D . 17.57 -25.10 13.66
C5 MVZ D . 16.22 -25.51 13.56
N6 MVZ D . 16.00 -26.39 14.60
C8 MVZ D . 17.11 -26.55 15.34
C10 MVZ D . 18.14 -25.79 14.86
CL1 MVZ D . 19.84 -25.51 15.34
N19 MVZ D . 19.52 -23.83 13.02
N22 MVZ D . 19.62 -21.96 14.45
N29 MVZ D . 20.87 -21.90 12.67
S SO4 E . 13.10 -2.60 14.76
O1 SO4 E . 11.74 -3.01 14.50
O2 SO4 E . 13.22 -1.21 14.37
O3 SO4 E . 14.01 -3.39 13.98
O4 SO4 E . 13.41 -2.79 16.16
S SO4 F . 6.72 -24.76 36.54
O1 SO4 F . 7.38 -24.98 35.27
O2 SO4 F . 5.31 -24.58 36.34
O3 SO4 F . 6.90 -25.90 37.44
O4 SO4 F . 7.28 -23.57 37.11
S SO4 G . 23.27 -23.85 10.77
O1 SO4 G . 22.74 -24.57 11.90
O2 SO4 G . 22.26 -23.04 10.16
O3 SO4 G . 23.77 -24.79 9.82
O4 SO4 G . 24.33 -22.99 11.25
C2 MVZ H . -18.76 16.03 21.01
C3 MVZ H . -18.98 17.07 21.94
C12 MVZ H . -20.19 16.88 19.21
C13 MVZ H . -19.33 15.92 19.71
C15 MVZ H . -20.82 16.80 17.77
C21 MVZ H . -17.14 17.54 23.47
C23 MVZ H . -15.02 18.24 23.33
C26 MVZ H . -15.02 17.00 24.28
BR1 MVZ H . -17.59 14.72 21.59
C4 MVZ H . -19.82 17.98 21.43
C5 MVZ H . -20.40 17.94 20.14
N6 MVZ H . -21.18 19.05 20.03
C8 MVZ H . -21.11 19.79 21.16
C10 MVZ H . -20.29 19.23 22.11
CL1 MVZ H . -19.77 19.72 23.78
N19 MVZ H . -18.44 17.28 23.22
N22 MVZ H . -16.37 18.28 22.75
N29 MVZ H . -16.46 16.98 24.47
S SO4 I . -2.73 33.12 14.03
O1 SO4 I . -3.29 33.96 12.99
O2 SO4 I . -3.44 33.30 15.29
O3 SO4 I . -2.84 31.73 13.63
O4 SO4 I . -1.35 33.49 14.20
S SO4 J . 1.81 15.89 14.03
O1 SO4 J . 1.39 16.47 12.76
O2 SO4 J . 0.69 15.56 14.88
O3 SO4 J . 2.58 14.69 13.76
O4 SO4 J . 2.63 16.85 14.71
S SO4 K . -18.48 15.16 27.00
O1 SO4 K . -19.04 15.28 28.32
O2 SO4 K . -19.40 15.76 26.05
O3 SO4 K . -18.27 13.78 26.62
O4 SO4 K . -17.23 15.84 26.96
C2 MVZ L . 15.20 18.91 -20.49
C3 MVZ L . 16.32 19.72 -20.71
C12 MVZ L . 15.74 17.11 -21.94
C13 MVZ L . 14.89 17.66 -21.02
C15 MVZ L . 15.42 15.72 -22.55
C21 MVZ L . 17.08 21.17 -18.84
C23 MVZ L . 18.10 20.99 -16.85
C26 MVZ L . 16.97 22.05 -16.67
BR1 MVZ L . 14.02 19.54 -19.26
C4 MVZ L . 17.11 19.16 -21.63
C5 MVZ L . 16.87 17.92 -22.24
N6 MVZ L . 17.90 17.71 -23.08
C8 MVZ L . 18.75 18.74 -23.05
C10 MVZ L . 18.37 19.69 -22.17
CL1 MVZ L . 19.02 21.27 -21.68
N19 MVZ L . 16.67 20.95 -20.14
N22 MVZ L . 17.93 20.44 -18.20
N29 MVZ L . 16.63 22.16 -18.06
S SO4 M . 16.46 11.32 -0.12
O1 SO4 M . 15.23 10.74 -0.60
O2 SO4 M . 16.96 12.33 -1.04
O3 SO4 M . 17.45 10.26 0.00
O4 SO4 M . 16.24 11.94 1.17
S SO4 N . 15.38 24.73 -19.84
O1 SO4 N . 15.77 26.10 -20.05
O2 SO4 N . 14.36 24.33 -20.78
O3 SO4 N . 14.90 24.57 -18.48
O4 SO4 N . 16.52 23.87 -20.03
#